data_4DN7
#
_entry.id   4DN7
#
_cell.length_a   52.913
_cell.length_b   52.879
_cell.length_c   88.142
_cell.angle_alpha   106.510
_cell.angle_beta   97.430
_cell.angle_gamma   105.910
#
_symmetry.space_group_name_H-M   'P 1'
#
loop_
_entity.id
_entity.type
_entity.pdbx_description
1 polymer 'ABC transporter, ATP-binding protein'
2 non-polymer 'PENTAETHYLENE GLYCOL'
3 water water
#
_entity_poly.entity_id   1
_entity_poly.type   'polypeptide(L)'
_entity_poly.pdbx_seq_one_letter_code
;(MSE)HHHHHHSSGVDLGTENLYFQS(MSE)QTEQVSLKKRAESAAEKKAAFGEDFELEKYEEGSKVSKPIEDLQSLDEE
SKKTLLQVGVIPSEEGRSGSFLVLDNAVSHSTLKDKNVEL(MSE)STHKA(MSE)EKYEWLKDYSWKLVQVDADKYTAKT
YLEDADGYFIRVPAGKKTS(MSE)PVQTCL(MSE)LGSKKAAQTVHNIIIVEEGATLDIITGCTTKKGVEEGLHLGISE
(MSE)YIKKGGTLNFT(MSE)IHNWAEQIGVRPRTVVSVEEGGTYVSNYICLKPVRSVQTYPTVRLEGEGAVTRLNTIAI
AHPGSELDLGSKAIFNAPGTRAELISRTITIGGRLIARGE(MSE)IGNAKGAKGHLECKGLVLTDKGSQLAIPILEANVD
DIELTHEAAVGKIAKDQVEYL(MSE)ARGLTEDEAVG(MSE)IIRGFLDVGIRGIPEELKEEIENTIAQTALG(MSE)
;
_entity_poly.pdbx_strand_id   A,B
#
loop_
_chem_comp.id
_chem_comp.type
_chem_comp.name
_chem_comp.formula
1PE non-polymer 'PENTAETHYLENE GLYCOL' 'C10 H22 O6'
#
# COMPACT_ATOMS: atom_id res chain seq x y z
N GLN A 24 29.21 -6.33 28.42
CA GLN A 24 29.44 -5.72 29.76
C GLN A 24 28.73 -4.37 29.92
N THR A 25 29.35 -3.31 29.40
CA THR A 25 28.66 -2.03 29.25
C THR A 25 27.55 -2.18 28.22
N GLU A 26 27.75 -3.13 27.30
CA GLU A 26 26.79 -3.43 26.25
C GLU A 26 25.45 -3.91 26.82
N GLN A 27 25.51 -4.79 27.82
CA GLN A 27 24.30 -5.35 28.44
C GLN A 27 23.49 -4.25 29.11
N VAL A 28 24.18 -3.33 29.79
CA VAL A 28 23.54 -2.18 30.45
C VAL A 28 22.82 -1.30 29.42
N SER A 29 23.43 -1.15 28.24
CA SER A 29 22.85 -0.34 27.16
C SER A 29 21.58 -0.96 26.64
N LEU A 30 21.61 -2.27 26.39
CA LEU A 30 20.45 -2.97 25.82
C LEU A 30 19.28 -2.98 26.79
N LYS A 31 19.57 -3.22 28.07
CA LYS A 31 18.55 -3.18 29.11
C LYS A 31 17.89 -1.79 29.18
N LYS A 32 18.71 -0.73 29.20
CA LYS A 32 18.20 0.65 29.18
C LYS A 32 17.29 0.86 27.96
N ARG A 33 17.75 0.45 26.78
CA ARG A 33 16.93 0.57 25.55
C ARG A 33 15.62 -0.20 25.64
N ALA A 34 15.69 -1.45 26.11
CA ALA A 34 14.52 -2.32 26.20
C ALA A 34 13.50 -1.78 27.22
N GLU A 35 14.00 -1.33 28.36
CA GLU A 35 13.14 -0.66 29.35
C GLU A 35 12.42 0.56 28.74
N SER A 36 13.14 1.36 27.95
CA SER A 36 12.53 2.57 27.38
C SER A 36 11.45 2.28 26.34
N ALA A 37 11.50 1.08 25.75
CA ALA A 37 10.52 0.64 24.78
C ALA A 37 9.43 -0.26 25.38
N ALA A 38 9.39 -0.38 26.71
CA ALA A 38 8.40 -1.24 27.38
C ALA A 38 6.96 -0.94 26.98
N GLU A 39 6.67 0.33 26.66
CA GLU A 39 5.33 0.77 26.31
C GLU A 39 5.18 1.11 24.83
N LYS A 40 6.18 0.75 24.02
CA LYS A 40 6.22 1.14 22.60
C LYS A 40 5.33 0.22 21.74
N LYS A 41 4.15 0.73 21.36
CA LYS A 41 3.21 -0.07 20.57
C LYS A 41 3.82 -0.42 19.23
N ALA A 42 3.50 -1.61 18.73
CA ALA A 42 3.89 -1.99 17.36
C ALA A 42 3.05 -1.18 16.38
N ALA A 43 3.60 -0.94 15.19
CA ALA A 43 2.91 -0.13 14.19
C ALA A 43 1.59 -0.76 13.74
N PHE A 44 1.56 -2.09 13.65
CA PHE A 44 0.38 -2.80 13.14
C PHE A 44 -0.16 -3.83 14.13
N GLY A 45 -1.44 -4.18 13.98
CA GLY A 45 -2.05 -5.21 14.81
C GLY A 45 -2.57 -4.71 16.14
N GLU A 46 -3.42 -5.52 16.75
CA GLU A 46 -3.95 -5.23 18.06
C GLU A 46 -2.81 -4.92 19.04
N ASP A 47 -3.03 -3.96 19.94
CA ASP A 47 -2.06 -3.68 20.99
C ASP A 47 -2.37 -4.52 22.24
N PHE A 48 -1.43 -5.37 22.64
CA PHE A 48 -1.66 -6.19 23.83
C PHE A 48 -1.08 -5.52 25.07
N GLU A 49 -1.84 -5.59 26.19
CA GLU A 49 -1.34 -5.13 27.48
C GLU A 49 -0.50 -6.26 28.10
N LEU A 50 0.81 -6.09 28.09
CA LEU A 50 1.71 -7.17 28.53
C LEU A 50 1.48 -7.62 29.98
N GLU A 51 0.99 -6.71 30.82
CA GLU A 51 0.71 -6.97 32.24
C GLU A 51 -0.36 -8.06 32.45
N LYS A 52 -1.20 -8.28 31.46
CA LYS A 52 -2.33 -9.22 31.59
C LYS A 52 -1.91 -10.69 31.45
N TYR A 53 -0.67 -10.92 31.04
CA TYR A 53 -0.18 -12.27 30.81
C TYR A 53 0.95 -12.57 31.80
N GLU A 54 0.80 -13.67 32.53
CA GLU A 54 1.85 -14.12 33.43
C GLU A 54 2.94 -14.74 32.56
N GLU A 55 4.20 -14.38 32.81
CA GLU A 55 5.30 -15.02 32.08
C GLU A 55 5.22 -16.53 32.31
N GLY A 56 5.27 -17.28 31.20
CA GLY A 56 5.22 -18.75 31.20
C GLY A 56 6.39 -19.34 31.94
N SER A 57 6.19 -20.55 32.47
CA SER A 57 7.21 -21.22 33.27
C SER A 57 8.56 -21.28 32.53
N LYS A 58 9.60 -20.95 33.27
CA LYS A 58 10.96 -20.99 32.73
C LYS A 58 11.64 -22.30 33.13
N VAL A 59 10.88 -23.16 33.80
CA VAL A 59 11.28 -24.52 34.17
C VAL A 59 10.35 -25.49 33.44
N SER A 60 10.88 -26.61 32.99
CA SER A 60 10.06 -27.73 32.52
C SER A 60 10.83 -29.02 32.70
N LYS A 61 10.11 -30.12 32.93
CA LYS A 61 10.73 -31.44 32.99
C LYS A 61 11.32 -31.78 31.63
N PRO A 62 12.59 -32.22 31.60
CA PRO A 62 13.17 -32.72 30.37
C PRO A 62 12.39 -33.91 29.82
N ILE A 63 12.15 -33.87 28.51
CA ILE A 63 11.54 -34.98 27.80
C ILE A 63 12.64 -35.55 26.90
N GLU A 64 13.25 -36.65 27.35
CA GLU A 64 14.33 -37.33 26.62
C GLU A 64 13.85 -38.02 25.36
N ASP A 65 12.75 -38.77 25.49
CA ASP A 65 12.20 -39.57 24.40
C ASP A 65 10.86 -38.98 24.01
N LEU A 66 10.79 -38.47 22.78
CA LEU A 66 9.57 -37.85 22.27
C LEU A 66 8.42 -38.84 22.17
N GLN A 67 8.73 -40.09 21.89
CA GLN A 67 7.68 -41.11 21.78
C GLN A 67 7.14 -41.60 23.11
N SER A 68 7.76 -41.17 24.20
CA SER A 68 7.20 -41.39 25.54
C SER A 68 6.14 -40.33 25.86
N LEU A 69 5.92 -39.38 24.95
CA LEU A 69 4.85 -38.40 25.09
C LEU A 69 3.48 -39.06 25.07
N ASP A 70 2.56 -38.53 25.87
CA ASP A 70 1.16 -38.96 25.88
C ASP A 70 0.53 -38.76 24.50
N GLU A 71 -0.43 -39.63 24.17
CA GLU A 71 -1.00 -39.69 22.82
C GLU A 71 -1.63 -38.38 22.35
N GLU A 72 -2.25 -37.63 23.27
CA GLU A 72 -2.80 -36.29 22.97
C GLU A 72 -1.72 -35.31 22.49
N SER A 73 -0.65 -35.20 23.26
CA SER A 73 0.51 -34.38 22.92
C SER A 73 1.13 -34.80 21.59
N LYS A 74 1.18 -36.11 21.33
CA LYS A 74 1.75 -36.62 20.07
C LYS A 74 0.89 -36.23 18.88
N LYS A 75 -0.44 -36.30 19.08
CA LYS A 75 -1.41 -35.83 18.08
C LYS A 75 -1.18 -34.34 17.79
N THR A 76 -1.05 -33.56 18.85
CA THR A 76 -0.85 -32.12 18.76
C THR A 76 0.41 -31.78 17.95
N LEU A 77 1.49 -32.52 18.20
CA LEU A 77 2.75 -32.31 17.47
C LEU A 77 2.54 -32.58 16.01
N LEU A 78 1.92 -33.73 15.71
CA LEU A 78 1.72 -34.17 14.34
C LEU A 78 0.87 -33.21 13.50
N GLN A 79 -0.11 -32.56 14.14
CA GLN A 79 -0.97 -31.54 13.52
C GLN A 79 -0.21 -30.33 12.96
N VAL A 80 0.96 -30.05 13.53
CA VAL A 80 1.79 -28.95 13.06
C VAL A 80 3.10 -29.43 12.43
N GLY A 81 3.12 -30.69 11.98
CA GLY A 81 4.24 -31.22 11.20
C GLY A 81 5.46 -31.68 11.97
N VAL A 82 5.31 -31.87 13.28
CA VAL A 82 6.43 -32.31 14.12
C VAL A 82 6.24 -33.80 14.45
N ILE A 83 7.25 -34.62 14.13
CA ILE A 83 7.13 -36.09 14.16
C ILE A 83 7.81 -36.68 15.40
N PRO A 84 7.02 -37.13 16.38
CA PRO A 84 7.63 -37.66 17.60
C PRO A 84 8.63 -38.79 17.34
N SER A 85 8.39 -39.60 16.31
CA SER A 85 9.30 -40.70 15.95
C SER A 85 10.60 -40.21 15.31
N GLU A 86 10.57 -38.96 14.85
CA GLU A 86 11.68 -38.32 14.12
C GLU A 86 11.99 -38.99 12.77
N GLU A 87 11.05 -39.74 12.24
CA GLU A 87 11.25 -40.28 10.89
C GLU A 87 11.27 -39.12 9.89
N GLY A 88 12.26 -39.12 9.00
CA GLY A 88 12.47 -38.01 8.05
C GLY A 88 12.97 -36.72 8.68
N ARG A 89 13.52 -36.83 9.88
CA ARG A 89 14.02 -35.66 10.61
C ARG A 89 15.47 -35.83 11.04
N SER A 90 16.17 -34.71 11.14
CA SER A 90 17.59 -34.66 11.46
C SER A 90 17.83 -34.42 12.96
N GLY A 91 16.80 -33.89 13.63
CA GLY A 91 16.87 -33.57 15.04
C GLY A 91 15.58 -32.91 15.49
N SER A 92 15.47 -32.67 16.80
CA SER A 92 14.27 -32.09 17.37
C SER A 92 14.60 -31.15 18.48
N PHE A 93 13.84 -30.06 18.54
CA PHE A 93 13.98 -29.09 19.61
C PHE A 93 12.56 -28.72 20.04
N LEU A 94 12.31 -28.78 21.34
CA LEU A 94 10.98 -28.57 21.89
C LEU A 94 11.07 -27.56 23.02
N VAL A 95 10.18 -26.58 22.99
CA VAL A 95 10.03 -25.59 24.03
C VAL A 95 8.61 -25.69 24.53
N LEU A 96 8.46 -25.80 25.85
CA LEU A 96 7.16 -25.69 26.48
C LEU A 96 7.13 -24.41 27.34
N ASP A 97 6.13 -23.56 27.09
CA ASP A 97 6.10 -22.21 27.66
C ASP A 97 7.46 -21.55 27.41
N ASN A 98 8.16 -21.17 28.47
CA ASN A 98 9.47 -20.55 28.32
C ASN A 98 10.69 -21.42 28.57
N ALA A 99 10.48 -22.73 28.61
CA ALA A 99 11.58 -23.65 28.92
C ALA A 99 11.87 -24.67 27.82
N VAL A 100 13.15 -24.86 27.53
CA VAL A 100 13.58 -25.90 26.61
C VAL A 100 13.40 -27.26 27.29
N SER A 101 12.70 -28.16 26.60
CA SER A 101 12.28 -29.44 27.14
C SER A 101 13.00 -30.59 26.42
N HIS A 102 13.52 -30.34 25.22
CA HIS A 102 14.17 -31.39 24.43
C HIS A 102 15.09 -30.78 23.39
N SER A 103 16.26 -31.39 23.18
CA SER A 103 17.26 -30.92 22.20
C SER A 103 18.21 -32.04 21.80
N THR A 104 17.98 -32.64 20.62
CA THR A 104 18.81 -33.75 20.14
C THR A 104 19.07 -33.69 18.64
N LEU A 105 20.16 -34.32 18.23
CA LEU A 105 20.51 -34.43 16.82
C LEU A 105 20.84 -35.87 16.45
N LYS A 106 20.48 -36.25 15.23
CA LYS A 106 20.80 -37.57 14.72
C LYS A 106 22.19 -37.63 14.09
N ASP A 107 22.67 -36.48 13.62
CA ASP A 107 23.96 -36.42 12.94
C ASP A 107 24.81 -35.28 13.50
N LYS A 108 26.12 -35.44 13.37
CA LYS A 108 27.07 -34.55 14.04
C LYS A 108 27.57 -33.41 13.15
N ASN A 109 26.91 -33.18 12.03
CA ASN A 109 27.24 -32.08 11.16
C ASN A 109 26.70 -30.77 11.73
N VAL A 110 25.39 -30.73 11.91
CA VAL A 110 24.66 -29.59 12.45
C VAL A 110 25.00 -29.36 13.93
N GLU A 111 24.95 -28.10 14.37
CA GLU A 111 25.04 -27.76 15.78
C GLU A 111 23.66 -27.27 16.24
N LEU A 112 23.13 -27.87 17.30
CA LEU A 112 21.81 -27.51 17.85
C LEU A 112 21.93 -27.44 19.37
N MSE A 113 21.58 -26.29 19.93
CA MSE A 113 21.68 -26.05 21.37
C MSE A 113 20.67 -25.02 21.70
O MSE A 113 20.18 -24.31 20.84
CB MSE A 113 23.00 -25.38 21.79
CG MSE A 113 24.29 -26.05 21.36
SE MSE A 113 25.74 -24.88 21.97
CE MSE A 113 25.77 -25.38 23.87
N SER A 114 20.34 -24.91 22.99
CA SER A 114 19.51 -23.80 23.40
C SER A 114 20.28 -22.51 23.21
N THR A 115 19.55 -21.41 23.04
CA THR A 115 20.18 -20.11 22.87
C THR A 115 21.00 -19.73 24.12
N HIS A 116 20.49 -20.04 25.32
CA HIS A 116 21.17 -19.76 26.57
C HIS A 116 22.46 -20.51 26.63
N LYS A 117 22.44 -21.80 26.27
CA LYS A 117 23.67 -22.61 26.34
C LYS A 117 24.70 -22.19 25.29
N ALA A 118 24.24 -21.85 24.09
CA ALA A 118 25.12 -21.30 23.05
C ALA A 118 25.77 -19.97 23.50
N MSE A 119 25.00 -19.10 24.15
CA MSE A 119 25.54 -17.81 24.65
C MSE A 119 26.57 -18.00 25.74
O MSE A 119 27.50 -17.20 25.85
CB MSE A 119 24.44 -16.89 25.18
CG MSE A 119 23.39 -16.49 24.14
SE MSE A 119 24.15 -15.12 22.95
CE MSE A 119 24.07 -13.60 24.21
N GLU A 120 26.41 -19.05 26.53
CA GLU A 120 27.41 -19.42 27.56
C GLU A 120 28.65 -20.04 26.94
N LYS A 121 28.47 -20.81 25.88
CA LYS A 121 29.57 -21.50 25.20
C LYS A 121 30.44 -20.56 24.39
N TYR A 122 29.79 -19.69 23.61
CA TYR A 122 30.47 -18.94 22.57
C TYR A 122 30.44 -17.45 22.85
N GLU A 123 31.57 -16.91 23.32
CA GLU A 123 31.69 -15.47 23.57
C GLU A 123 31.32 -14.69 22.32
N TRP A 124 31.71 -15.20 21.16
CA TRP A 124 31.46 -14.52 19.87
C TRP A 124 30.01 -14.40 19.46
N LEU A 125 29.13 -15.19 20.09
CA LEU A 125 27.71 -15.14 19.74
C LEU A 125 27.10 -13.80 20.12
N LYS A 126 27.76 -13.07 21.02
CA LYS A 126 27.34 -11.68 21.33
C LYS A 126 27.36 -10.77 20.09
N ASP A 127 28.15 -11.13 19.07
CA ASP A 127 28.20 -10.42 17.79
C ASP A 127 26.97 -10.65 16.90
N TYR A 128 26.18 -11.67 17.21
CA TYR A 128 24.99 -12.03 16.42
C TYR A 128 23.69 -11.82 17.17
N SER A 129 23.76 -11.78 18.49
CA SER A 129 22.55 -11.74 19.30
C SER A 129 22.01 -10.32 19.46
N TRP A 130 20.72 -10.16 19.11
CA TRP A 130 20.02 -8.86 19.17
C TRP A 130 20.70 -7.84 18.29
N LYS A 131 21.17 -8.29 17.14
CA LYS A 131 21.79 -7.40 16.17
C LYS A 131 20.79 -7.18 15.03
N LEU A 132 20.29 -8.27 14.46
CA LEU A 132 19.32 -8.14 13.37
C LEU A 132 17.94 -7.66 13.82
N VAL A 133 17.49 -8.18 14.95
CA VAL A 133 16.30 -7.66 15.62
C VAL A 133 16.73 -6.76 16.77
N GLN A 134 16.25 -5.53 16.78
CA GLN A 134 16.62 -4.56 17.81
C GLN A 134 15.79 -4.80 19.07
N VAL A 135 16.41 -4.68 20.24
CA VAL A 135 15.69 -4.95 21.50
C VAL A 135 14.52 -3.97 21.66
N ASP A 136 14.68 -2.78 21.10
CA ASP A 136 13.68 -1.72 21.23
C ASP A 136 12.78 -1.54 20.02
N ALA A 137 12.65 -2.57 19.17
CA ALA A 137 11.76 -2.47 18.01
C ALA A 137 10.35 -2.12 18.45
N ASP A 138 9.85 -2.85 19.45
CA ASP A 138 8.52 -2.60 20.03
C ASP A 138 8.48 -3.23 21.43
N LYS A 139 7.34 -3.12 22.09
CA LYS A 139 7.19 -3.69 23.45
C LYS A 139 7.40 -5.22 23.48
N TYR A 140 7.15 -5.89 22.35
CA TYR A 140 7.29 -7.35 22.26
C TYR A 140 8.76 -7.82 22.21
N THR A 141 9.58 -7.17 21.38
CA THR A 141 11.02 -7.45 21.38
C THR A 141 11.59 -7.06 22.75
N ALA A 142 11.09 -5.96 23.32
CA ALA A 142 11.63 -5.47 24.58
C ALA A 142 11.38 -6.46 25.71
N LYS A 143 10.16 -6.99 25.77
CA LYS A 143 9.76 -7.96 26.77
C LYS A 143 10.60 -9.22 26.58
N THR A 144 10.80 -9.58 25.32
CA THR A 144 11.53 -10.80 25.01
C THR A 144 12.97 -10.66 25.48
N TYR A 145 13.55 -9.49 25.23
CA TYR A 145 14.91 -9.22 25.73
C TYR A 145 14.95 -9.25 27.26
N LEU A 146 14.05 -8.52 27.89
CA LEU A 146 14.04 -8.37 29.35
C LEU A 146 13.80 -9.69 30.11
N GLU A 147 13.04 -10.60 29.51
CA GLU A 147 12.77 -11.94 30.08
C GLU A 147 13.92 -12.93 29.85
N ASP A 148 15.00 -12.44 29.24
CA ASP A 148 16.14 -13.29 28.90
C ASP A 148 15.64 -14.56 28.18
N ALA A 149 14.86 -14.36 27.11
CA ALA A 149 14.21 -15.47 26.42
C ALA A 149 15.20 -16.51 25.99
N ASP A 150 14.84 -17.79 26.14
CA ASP A 150 15.64 -18.88 25.57
C ASP A 150 15.03 -19.25 24.21
N GLY A 151 15.59 -20.23 23.55
CA GLY A 151 15.09 -20.67 22.23
C GLY A 151 16.10 -21.63 21.68
N TYR A 152 16.16 -21.78 20.36
CA TYR A 152 17.21 -22.59 19.73
C TYR A 152 18.28 -21.76 19.01
N PHE A 153 19.51 -22.25 19.11
CA PHE A 153 20.64 -21.84 18.28
C PHE A 153 20.95 -23.01 17.35
N ILE A 154 20.95 -22.74 16.05
CA ILE A 154 21.40 -23.70 15.06
C ILE A 154 22.54 -23.11 14.23
N ARG A 155 23.62 -23.88 14.08
CA ARG A 155 24.70 -23.49 13.21
C ARG A 155 24.97 -24.66 12.28
N VAL A 156 24.99 -24.38 11.00
CA VAL A 156 25.41 -25.38 10.02
C VAL A 156 26.81 -24.98 9.54
N PRO A 157 27.84 -25.79 9.87
CA PRO A 157 29.23 -25.49 9.53
C PRO A 157 29.44 -25.35 8.03
N ALA A 158 30.48 -24.60 7.65
CA ALA A 158 30.75 -24.28 6.24
C ALA A 158 30.76 -25.53 5.35
N GLY A 159 29.97 -25.46 4.28
CA GLY A 159 29.95 -26.49 3.25
C GLY A 159 29.09 -27.70 3.59
N LYS A 160 28.46 -27.70 4.77
CA LYS A 160 27.68 -28.86 5.20
C LYS A 160 26.17 -28.69 4.96
N LYS A 161 25.46 -29.81 4.81
CA LYS A 161 24.01 -29.76 4.53
C LYS A 161 23.27 -30.73 5.44
N THR A 162 22.10 -30.32 5.90
CA THR A 162 21.17 -31.24 6.56
C THR A 162 20.70 -32.29 5.56
N SER A 163 20.84 -33.56 5.90
CA SER A 163 20.31 -34.62 5.05
C SER A 163 18.80 -34.78 5.20
N MSE A 164 18.27 -34.28 6.33
CA MSE A 164 16.84 -34.32 6.62
C MSE A 164 16.53 -33.04 7.42
O MSE A 164 17.41 -32.53 8.10
CB MSE A 164 16.47 -35.55 7.48
CG MSE A 164 17.04 -36.90 7.03
SE MSE A 164 16.41 -38.35 7.91
CE MSE A 164 15.47 -39.11 6.60
N PRO A 165 15.30 -32.51 7.32
CA PRO A 165 15.03 -31.27 8.06
C PRO A 165 15.17 -31.41 9.58
N VAL A 166 15.63 -30.35 10.24
CA VAL A 166 15.58 -30.26 11.69
C VAL A 166 14.16 -29.81 12.02
N GLN A 167 13.56 -30.36 13.08
CA GLN A 167 12.22 -29.89 13.48
C GLN A 167 12.28 -29.20 14.81
N THR A 168 11.54 -28.10 14.93
CA THR A 168 11.41 -27.42 16.19
C THR A 168 9.94 -27.26 16.49
N CYS A 169 9.61 -27.15 17.77
CA CYS A 169 8.23 -27.01 18.18
C CYS A 169 8.16 -26.06 19.37
N LEU A 170 7.24 -25.12 19.27
CA LEU A 170 6.96 -24.16 20.34
C LEU A 170 5.56 -24.41 20.83
N MSE A 171 5.42 -24.60 22.13
CA MSE A 171 4.14 -24.98 22.70
C MSE A 171 3.76 -24.11 23.87
O MSE A 171 4.54 -23.94 24.81
CB MSE A 171 4.21 -26.45 23.12
CG MSE A 171 2.81 -26.96 23.39
SE MSE A 171 2.85 -28.91 23.70
CE MSE A 171 2.07 -29.56 22.02
N LEU A 172 2.57 -23.54 23.81
CA LEU A 172 1.97 -22.85 24.94
C LEU A 172 1.21 -23.86 25.79
N GLY A 173 1.55 -23.95 27.06
CA GLY A 173 0.96 -24.94 27.94
C GLY A 173 0.25 -24.47 29.21
N SER A 174 0.26 -23.17 29.48
CA SER A 174 -0.41 -22.59 30.66
C SER A 174 -1.71 -21.91 30.26
N LYS A 175 -2.54 -21.55 31.23
CA LYS A 175 -3.90 -21.04 30.93
C LYS A 175 -3.93 -19.71 30.15
N LYS A 176 -3.11 -18.74 30.56
CA LYS A 176 -3.03 -17.43 29.91
C LYS A 176 -1.66 -16.84 30.20
N ALA A 177 -0.66 -17.29 29.44
CA ALA A 177 0.73 -16.95 29.68
C ALA A 177 1.35 -16.26 28.49
N ALA A 178 2.41 -15.49 28.75
CA ALA A 178 3.25 -14.95 27.69
C ALA A 178 4.41 -15.90 27.47
N GLN A 179 4.58 -16.33 26.23
CA GLN A 179 5.74 -17.11 25.81
C GLN A 179 6.69 -16.16 25.09
N THR A 180 7.95 -16.19 25.51
CA THR A 180 8.98 -15.33 24.95
C THR A 180 10.12 -16.21 24.50
N VAL A 181 10.40 -16.21 23.20
CA VAL A 181 11.51 -17.01 22.69
CA VAL A 181 11.41 -17.06 22.57
C VAL A 181 12.41 -16.21 21.78
N HIS A 182 13.69 -16.59 21.81
CA HIS A 182 14.70 -15.96 21.00
C HIS A 182 15.54 -17.04 20.35
N ASN A 183 15.45 -17.11 19.01
CA ASN A 183 16.23 -18.08 18.23
C ASN A 183 17.26 -17.39 17.36
N ILE A 184 18.39 -18.06 17.15
CA ILE A 184 19.47 -17.59 16.27
C ILE A 184 19.88 -18.74 15.35
N ILE A 185 19.87 -18.49 14.04
CA ILE A 185 20.29 -19.49 13.06
C ILE A 185 21.46 -18.91 12.29
N ILE A 186 22.54 -19.69 12.19
CA ILE A 186 23.69 -19.29 11.36
C ILE A 186 23.93 -20.38 10.34
N VAL A 187 23.80 -20.04 9.06
CA VAL A 187 24.14 -20.94 7.97
C VAL A 187 25.47 -20.43 7.40
N GLU A 188 26.52 -21.20 7.62
CA GLU A 188 27.87 -20.80 7.23
C GLU A 188 28.09 -20.93 5.73
N GLU A 189 29.26 -20.48 5.28
CA GLU A 189 29.61 -20.42 3.86
C GLU A 189 29.32 -21.73 3.14
N GLY A 190 28.47 -21.65 2.11
CA GLY A 190 28.17 -22.80 1.24
C GLY A 190 27.34 -23.89 1.88
N ALA A 191 26.76 -23.61 3.04
CA ALA A 191 26.03 -24.62 3.79
C ALA A 191 24.52 -24.58 3.49
N THR A 192 23.81 -25.63 3.88
CA THR A 192 22.36 -25.69 3.69
C THR A 192 21.66 -26.19 4.96
N LEU A 193 20.64 -25.47 5.39
CA LEU A 193 19.78 -25.88 6.51
C LEU A 193 18.34 -25.97 6.04
N ASP A 194 17.71 -27.11 6.32
CA ASP A 194 16.27 -27.28 6.17
C ASP A 194 15.66 -27.35 7.57
N ILE A 195 14.64 -26.52 7.85
CA ILE A 195 13.99 -26.48 9.16
C ILE A 195 12.48 -26.49 9.03
N ILE A 196 11.82 -27.26 9.89
CA ILE A 196 10.37 -27.22 10.00
C ILE A 196 10.05 -26.81 11.42
N THR A 197 9.27 -25.75 11.56
CA THR A 197 8.82 -25.30 12.87
C THR A 197 7.32 -25.44 13.00
N GLY A 198 6.88 -26.10 14.06
CA GLY A 198 5.47 -26.12 14.39
C GLY A 198 5.21 -25.38 15.68
N CYS A 199 4.26 -24.45 15.66
CA CYS A 199 3.85 -23.72 16.85
C CYS A 199 2.41 -24.07 17.22
N THR A 200 2.21 -24.48 18.47
CA THR A 200 0.92 -25.00 18.89
C THR A 200 0.65 -24.80 20.40
N THR A 201 -0.50 -25.32 20.85
CA THR A 201 -0.93 -25.18 22.24
C THR A 201 -1.23 -26.54 22.84
N LYS A 202 -1.07 -26.68 24.16
CA LYS A 202 -1.58 -27.87 24.86
C LYS A 202 -3.11 -27.89 24.79
N LYS A 203 -3.70 -29.07 24.81
CA LYS A 203 -5.16 -29.18 24.73
C LYS A 203 -5.82 -28.38 25.84
N GLY A 204 -6.87 -27.64 25.50
CA GLY A 204 -7.59 -26.83 26.48
C GLY A 204 -7.05 -25.43 26.66
N VAL A 205 -5.87 -25.15 26.12
CA VAL A 205 -5.32 -23.80 26.24
C VAL A 205 -6.00 -22.88 25.22
N GLU A 206 -6.56 -21.79 25.71
CA GLU A 206 -7.38 -20.90 24.87
C GLU A 206 -6.83 -19.48 24.76
N GLU A 207 -6.18 -19.01 25.81
CA GLU A 207 -5.66 -17.66 25.86
C GLU A 207 -4.14 -17.71 25.97
N GLY A 208 -3.48 -16.59 25.68
CA GLY A 208 -2.02 -16.53 25.77
C GLY A 208 -1.45 -15.64 24.69
N LEU A 209 -0.16 -15.36 24.83
CA LEU A 209 0.56 -14.51 23.89
C LEU A 209 1.85 -15.20 23.49
N HIS A 210 2.13 -15.26 22.20
CA HIS A 210 3.42 -15.76 21.73
C HIS A 210 4.22 -14.63 21.17
N LEU A 211 5.41 -14.42 21.76
CA LEU A 211 6.36 -13.42 21.29
C LEU A 211 7.61 -14.18 20.89
N GLY A 212 7.89 -14.26 19.60
CA GLY A 212 9.02 -15.08 19.14
C GLY A 212 9.94 -14.30 18.25
N ILE A 213 11.17 -14.09 18.71
CA ILE A 213 12.17 -13.32 17.97
C ILE A 213 13.15 -14.30 17.33
N SER A 214 13.31 -14.19 16.01
CA SER A 214 14.30 -15.03 15.30
C SER A 214 15.25 -14.17 14.46
N GLU A 215 16.54 -14.46 14.59
CA GLU A 215 17.57 -13.76 13.82
C GLU A 215 18.33 -14.80 13.01
N MSE A 216 18.25 -14.65 11.70
CA MSE A 216 18.80 -15.70 10.81
C MSE A 216 19.90 -15.11 9.97
O MSE A 216 19.71 -14.07 9.32
CB MSE A 216 17.62 -16.30 9.99
CG MSE A 216 16.35 -16.54 10.86
SE MSE A 216 15.15 -17.72 9.81
CE MSE A 216 13.67 -17.71 11.12
N TYR A 217 21.05 -15.78 9.98
CA TYR A 217 22.23 -15.31 9.24
C TYR A 217 22.60 -16.33 8.19
N ILE A 218 22.61 -15.91 6.92
CA ILE A 218 22.99 -16.77 5.81
C ILE A 218 24.25 -16.21 5.17
N LYS A 219 25.35 -16.92 5.33
CA LYS A 219 26.65 -16.48 4.83
C LYS A 219 26.77 -16.82 3.36
N LYS A 220 27.85 -16.35 2.75
CA LYS A 220 28.07 -16.51 1.32
C LYS A 220 27.77 -17.92 0.83
N GLY A 221 26.93 -18.02 -0.19
CA GLY A 221 26.62 -19.30 -0.83
C GLY A 221 25.73 -20.23 -0.02
N GLY A 222 25.21 -19.75 1.11
CA GLY A 222 24.39 -20.58 1.99
C GLY A 222 22.95 -20.61 1.56
N THR A 223 22.21 -21.57 2.11
CA THR A 223 20.81 -21.79 1.80
C THR A 223 20.09 -22.16 3.09
N LEU A 224 18.95 -21.51 3.31
CA LEU A 224 18.09 -21.80 4.43
C LEU A 224 16.68 -21.95 3.92
N ASN A 225 16.14 -23.17 4.07
CA ASN A 225 14.74 -23.48 3.73
C ASN A 225 13.95 -23.64 5.03
N PHE A 226 12.94 -22.79 5.22
CA PHE A 226 12.26 -22.68 6.50
C PHE A 226 10.74 -22.81 6.29
N THR A 227 10.14 -23.82 6.91
CA THR A 227 8.68 -24.00 6.84
C THR A 227 8.09 -23.84 8.26
N MSE A 228 7.03 -23.06 8.37
CA MSE A 228 6.42 -22.81 9.68
C MSE A 228 4.94 -22.96 9.64
O MSE A 228 4.24 -22.27 8.86
CB MSE A 228 6.80 -21.45 10.24
CG MSE A 228 6.22 -21.41 11.66
SE MSE A 228 7.27 -20.14 12.71
CE MSE A 228 6.99 -18.66 11.42
N ILE A 229 4.43 -23.86 10.48
CA ILE A 229 3.00 -24.13 10.59
C ILE A 229 2.57 -23.67 11.98
N HIS A 230 1.52 -22.85 12.01
CA HIS A 230 0.91 -22.36 13.24
C HIS A 230 -0.43 -22.96 13.53
N ASN A 231 -0.64 -23.44 14.77
CA ASN A 231 -1.98 -23.88 15.18
C ASN A 231 -2.20 -23.43 16.61
N TRP A 232 -2.89 -22.31 16.76
CA TRP A 232 -3.01 -21.71 18.07
C TRP A 232 -4.36 -22.02 18.62
N ALA A 233 -5.05 -21.00 19.13
CA ALA A 233 -6.39 -21.14 19.66
C ALA A 233 -7.09 -19.78 19.55
N GLU A 234 -8.40 -19.82 19.73
CA GLU A 234 -9.26 -18.69 19.39
CA GLU A 234 -9.28 -18.70 19.42
C GLU A 234 -8.96 -17.38 20.13
N GLN A 235 -8.30 -17.46 21.30
CA GLN A 235 -7.97 -16.23 22.03
C GLN A 235 -6.47 -15.92 22.15
N ILE A 236 -5.68 -16.56 21.32
CA ILE A 236 -4.23 -16.41 21.37
C ILE A 236 -3.75 -15.24 20.48
N GLY A 237 -2.79 -14.44 20.97
CA GLY A 237 -2.18 -13.37 20.18
C GLY A 237 -0.77 -13.79 19.85
N VAL A 238 -0.30 -13.45 18.65
CA VAL A 238 0.94 -13.98 18.11
C VAL A 238 1.72 -12.83 17.49
N ARG A 239 2.92 -12.61 18.01
CA ARG A 239 3.79 -11.51 17.58
C ARG A 239 5.21 -11.99 17.29
N PRO A 240 5.40 -12.66 16.14
CA PRO A 240 6.75 -13.02 15.73
C PRO A 240 7.48 -11.81 15.17
N ARG A 241 8.79 -11.72 15.45
CA ARG A 241 9.67 -10.72 14.82
C ARG A 241 10.89 -11.46 14.30
N THR A 242 11.06 -11.40 12.99
CA THR A 242 12.07 -12.16 12.28
C THR A 242 12.85 -11.23 11.33
N VAL A 243 14.18 -11.27 11.41
CA VAL A 243 15.01 -10.58 10.42
C VAL A 243 16.01 -11.58 9.91
N VAL A 244 16.16 -11.62 8.58
CA VAL A 244 17.08 -12.55 7.91
C VAL A 244 18.09 -11.71 7.14
N SER A 245 19.37 -12.10 7.19
CA SER A 245 20.43 -11.38 6.52
C SER A 245 21.08 -12.36 5.55
N VAL A 246 20.98 -12.05 4.26
CA VAL A 246 21.41 -12.97 3.21
C VAL A 246 22.64 -12.44 2.47
N GLU A 247 23.80 -13.11 2.64
CA GLU A 247 25.02 -12.64 1.98
C GLU A 247 25.08 -13.05 0.50
N GLU A 248 26.18 -12.66 -0.17
CA GLU A 248 26.40 -12.99 -1.58
C GLU A 248 26.09 -14.44 -1.95
N GLY A 249 25.26 -14.63 -2.97
CA GLY A 249 24.94 -15.96 -3.49
C GLY A 249 24.15 -16.82 -2.51
N GLY A 250 23.57 -16.19 -1.49
CA GLY A 250 22.77 -16.91 -0.51
C GLY A 250 21.31 -17.03 -0.96
N THR A 251 20.57 -17.90 -0.28
CA THR A 251 19.19 -18.18 -0.63
C THR A 251 18.41 -18.40 0.65
N TYR A 252 17.30 -17.67 0.80
CA TYR A 252 16.35 -17.87 1.90
C TYR A 252 14.99 -18.20 1.33
N VAL A 253 14.47 -19.35 1.72
CA VAL A 253 13.11 -19.75 1.31
C VAL A 253 12.25 -19.90 2.56
N SER A 254 11.11 -19.20 2.58
CA SER A 254 10.19 -19.23 3.72
C SER A 254 8.79 -19.65 3.28
N ASN A 255 8.21 -20.61 3.98
CA ASN A 255 6.81 -20.98 3.78
C ASN A 255 6.08 -20.91 5.09
N TYR A 256 5.11 -20.00 5.16
CA TYR A 256 4.30 -19.84 6.36
C TYR A 256 2.87 -20.32 6.12
N ILE A 257 2.38 -21.12 7.05
CA ILE A 257 1.05 -21.71 6.95
C ILE A 257 0.22 -21.40 8.19
N CYS A 258 -0.92 -20.72 8.01
CA CYS A 258 -1.75 -20.28 9.14
C CYS A 258 -3.23 -20.45 8.85
N LEU A 259 -3.73 -21.67 9.10
CA LEU A 259 -5.04 -22.10 8.63
C LEU A 259 -6.12 -22.24 9.71
N LYS A 260 -5.74 -22.09 10.97
CA LYS A 260 -6.60 -22.42 12.12
C LYS A 260 -6.98 -21.18 12.92
N PRO A 261 -8.08 -21.27 13.70
CA PRO A 261 -8.49 -20.09 14.48
C PRO A 261 -7.38 -19.56 15.41
N VAL A 262 -7.34 -18.23 15.52
CA VAL A 262 -6.37 -17.50 16.34
C VAL A 262 -6.97 -16.10 16.50
N ARG A 263 -6.73 -15.44 17.63
CA ARG A 263 -7.28 -14.09 17.79
C ARG A 263 -6.55 -13.08 16.88
N SER A 264 -5.23 -13.03 16.99
CA SER A 264 -4.47 -12.00 16.27
C SER A 264 -3.10 -12.53 15.93
N VAL A 265 -2.76 -12.51 14.64
CA VAL A 265 -1.37 -12.72 14.24
C VAL A 265 -0.93 -11.48 13.50
N GLN A 266 0.23 -10.96 13.88
CA GLN A 266 0.86 -9.85 13.15
C GLN A 266 2.33 -10.18 13.01
N THR A 267 2.74 -10.46 11.78
CA THR A 267 4.11 -10.83 11.51
C THR A 267 4.53 -10.10 10.24
N TYR A 268 5.77 -9.65 10.21
CA TYR A 268 6.29 -8.90 9.06
C TYR A 268 7.79 -9.14 8.93
N PRO A 269 8.18 -10.40 8.59
CA PRO A 269 9.61 -10.68 8.51
C PRO A 269 10.31 -9.79 7.50
N THR A 270 11.52 -9.39 7.83
CA THR A 270 12.37 -8.61 6.92
C THR A 270 13.54 -9.43 6.45
N VAL A 271 13.79 -9.41 5.15
CA VAL A 271 14.89 -10.20 4.58
C VAL A 271 15.78 -9.19 3.86
N ARG A 272 17.01 -9.06 4.35
CA ARG A 272 17.95 -8.12 3.78
C ARG A 272 18.82 -8.88 2.81
N LEU A 273 18.77 -8.48 1.55
CA LEU A 273 19.58 -9.12 0.52
C LEU A 273 20.85 -8.29 0.39
N GLU A 274 21.88 -8.70 1.13
CA GLU A 274 23.04 -7.86 1.39
C GLU A 274 24.19 -8.06 0.41
N GLY A 275 24.19 -9.19 -0.29
CA GLY A 275 25.33 -9.53 -1.15
C GLY A 275 24.88 -9.80 -2.57
N GLU A 276 25.82 -9.64 -3.51
CA GLU A 276 25.56 -9.83 -4.93
C GLU A 276 24.81 -11.15 -5.14
N GLY A 277 23.68 -11.09 -5.85
CA GLY A 277 22.96 -12.28 -6.25
C GLY A 277 22.22 -13.02 -5.16
N ALA A 278 22.15 -12.44 -3.95
CA ALA A 278 21.31 -13.04 -2.91
C ALA A 278 19.84 -13.14 -3.35
N VAL A 279 19.17 -14.25 -3.03
CA VAL A 279 17.80 -14.52 -3.47
C VAL A 279 16.91 -14.88 -2.27
N THR A 280 15.64 -14.49 -2.32
CA THR A 280 14.67 -14.98 -1.36
C THR A 280 13.34 -15.31 -2.06
N ARG A 281 12.70 -16.36 -1.57
CA ARG A 281 11.35 -16.72 -1.97
C ARG A 281 10.53 -16.80 -0.68
N LEU A 282 9.51 -15.93 -0.58
CA LEU A 282 8.69 -15.83 0.62
C LEU A 282 7.24 -16.16 0.28
N ASN A 283 6.71 -17.15 0.99
CA ASN A 283 5.39 -17.71 0.71
C ASN A 283 4.51 -17.75 1.95
N THR A 284 3.24 -17.45 1.74
CA THR A 284 2.27 -17.42 2.81
C THR A 284 0.97 -17.99 2.32
N ILE A 285 0.40 -18.92 3.10
CA ILE A 285 -1.03 -19.27 2.92
C ILE A 285 -1.75 -19.14 4.26
N ALA A 286 -3.00 -18.70 4.20
CA ALA A 286 -3.75 -18.49 5.42
C ALA A 286 -5.26 -18.53 5.24
N ILE A 287 -5.96 -18.82 6.34
CA ILE A 287 -7.41 -18.76 6.38
C ILE A 287 -7.79 -17.98 7.60
N ALA A 288 -8.50 -16.87 7.42
CA ALA A 288 -8.94 -16.05 8.57
C ALA A 288 -10.36 -16.43 9.00
N HIS A 289 -10.46 -16.95 10.21
CA HIS A 289 -11.71 -17.42 10.81
C HIS A 289 -12.43 -16.28 11.45
N PRO A 290 -13.74 -16.43 11.71
CA PRO A 290 -14.45 -15.38 12.45
C PRO A 290 -13.72 -15.01 13.74
N GLY A 291 -13.72 -13.72 14.06
CA GLY A 291 -13.07 -13.22 15.26
C GLY A 291 -11.56 -13.21 15.20
N SER A 292 -11.01 -13.35 14.00
CA SER A 292 -9.56 -13.37 13.81
C SER A 292 -9.10 -12.13 13.03
N GLU A 293 -7.94 -11.61 13.42
CA GLU A 293 -7.19 -10.60 12.64
C GLU A 293 -5.88 -11.25 12.19
N LEU A 294 -5.65 -11.33 10.87
CA LEU A 294 -4.35 -11.83 10.39
C LEU A 294 -3.70 -10.73 9.60
N ASP A 295 -2.60 -10.22 10.13
CA ASP A 295 -1.89 -9.11 9.49
C ASP A 295 -0.52 -9.67 9.14
N LEU A 296 -0.41 -10.08 7.89
CA LEU A 296 0.72 -10.90 7.45
C LEU A 296 1.47 -10.19 6.33
N GLY A 297 2.74 -9.94 6.56
CA GLY A 297 3.52 -9.24 5.56
C GLY A 297 4.88 -9.86 5.33
N SER A 298 5.54 -9.41 4.29
CA SER A 298 6.90 -9.83 4.01
C SER A 298 7.61 -8.58 3.49
N LYS A 299 8.85 -8.35 3.93
CA LYS A 299 9.67 -7.24 3.44
C LYS A 299 11.00 -7.74 2.89
N ALA A 300 11.31 -7.33 1.66
CA ALA A 300 12.58 -7.70 1.04
C ALA A 300 13.30 -6.40 0.73
N ILE A 301 14.56 -6.30 1.18
CA ILE A 301 15.39 -5.10 0.96
C ILE A 301 16.55 -5.49 0.05
N PHE A 302 16.63 -4.83 -1.11
CA PHE A 302 17.63 -5.20 -2.15
C PHE A 302 18.83 -4.28 -1.99
N ASN A 303 19.88 -4.78 -1.35
CA ASN A 303 21.02 -3.93 -0.97
C ASN A 303 22.29 -4.22 -1.75
N ALA A 304 22.20 -5.09 -2.75
CA ALA A 304 23.34 -5.46 -3.57
C ALA A 304 22.85 -5.76 -4.96
N PRO A 305 23.74 -5.67 -5.96
CA PRO A 305 23.31 -5.94 -7.32
C PRO A 305 22.88 -7.39 -7.53
N GLY A 306 22.01 -7.63 -8.51
CA GLY A 306 21.61 -8.99 -8.89
C GLY A 306 20.76 -9.72 -7.89
N THR A 307 20.25 -8.99 -6.90
CA THR A 307 19.42 -9.59 -5.87
C THR A 307 18.03 -9.84 -6.42
N ARG A 308 17.39 -10.88 -5.88
CA ARG A 308 16.11 -11.38 -6.41
C ARG A 308 15.14 -11.69 -5.25
N ALA A 309 13.87 -11.31 -5.44
CA ALA A 309 12.82 -11.73 -4.49
C ALA A 309 11.53 -12.07 -5.21
N GLU A 310 10.92 -13.14 -4.72
CA GLU A 310 9.59 -13.56 -5.17
C GLU A 310 8.73 -13.73 -3.91
N LEU A 311 7.68 -12.92 -3.81
CA LEU A 311 6.81 -12.90 -2.62
C LEU A 311 5.41 -13.28 -3.04
N ILE A 312 4.96 -14.42 -2.53
CA ILE A 312 3.66 -15.00 -2.91
C ILE A 312 2.78 -15.18 -1.69
N SER A 313 1.57 -14.66 -1.80
CA SER A 313 0.61 -14.76 -0.70
C SER A 313 -0.72 -15.18 -1.29
N ARG A 314 -1.31 -16.23 -0.71
CA ARG A 314 -2.62 -16.72 -1.13
C ARG A 314 -3.41 -16.96 0.14
N THR A 315 -4.49 -16.20 0.31
CA THR A 315 -5.27 -16.23 1.53
C THR A 315 -6.76 -16.21 1.28
N ILE A 316 -7.50 -16.61 2.33
CA ILE A 316 -8.95 -16.69 2.25
C ILE A 316 -9.52 -16.20 3.57
N THR A 317 -10.56 -15.37 3.53
CA THR A 317 -11.35 -15.12 4.74
C THR A 317 -12.70 -15.85 4.71
N ILE A 318 -13.03 -16.51 5.82
CA ILE A 318 -14.36 -17.04 6.06
C ILE A 318 -14.99 -16.33 7.26
N GLY A 319 -14.55 -15.09 7.49
CA GLY A 319 -15.19 -14.19 8.43
C GLY A 319 -14.23 -13.33 9.23
N GLY A 320 -12.95 -13.64 9.17
CA GLY A 320 -11.91 -12.82 9.82
C GLY A 320 -11.43 -11.65 8.97
N ARG A 321 -10.51 -10.87 9.51
CA ARG A 321 -9.94 -9.74 8.79
C ARG A 321 -8.53 -10.11 8.36
N LEU A 322 -8.27 -10.06 7.05
CA LEU A 322 -6.97 -10.50 6.52
C LEU A 322 -6.31 -9.31 5.85
N ILE A 323 -5.07 -9.02 6.25
CA ILE A 323 -4.29 -7.94 5.64
C ILE A 323 -3.04 -8.55 5.06
N ALA A 324 -2.84 -8.34 3.76
CA ALA A 324 -1.61 -8.77 3.08
C ALA A 324 -0.75 -7.55 2.92
N ARG A 325 0.33 -7.54 3.69
CA ARG A 325 1.33 -6.50 3.63
C ARG A 325 2.50 -7.00 2.82
N GLY A 326 3.14 -6.13 2.09
CA GLY A 326 4.31 -6.54 1.36
C GLY A 326 5.10 -5.28 1.09
N GLU A 327 6.41 -5.42 1.09
CA GLU A 327 7.26 -4.27 0.89
C GLU A 327 8.51 -4.71 0.17
N MSE A 328 8.84 -4.05 -0.95
CA MSE A 328 10.07 -4.35 -1.69
C MSE A 328 10.79 -3.03 -1.89
O MSE A 328 10.27 -2.12 -2.52
CB MSE A 328 9.75 -5.08 -3.01
CG MSE A 328 9.06 -6.41 -2.73
SE MSE A 328 9.13 -7.60 -4.30
CE MSE A 328 7.99 -6.58 -5.54
N ILE A 329 11.99 -2.91 -1.31
CA ILE A 329 12.77 -1.64 -1.28
C ILE A 329 14.03 -1.83 -2.13
N GLY A 330 14.07 -1.17 -3.29
CA GLY A 330 15.18 -1.36 -4.23
C GLY A 330 16.29 -0.34 -4.09
N ASN A 331 17.41 -0.76 -3.51
CA ASN A 331 18.54 0.13 -3.18
C ASN A 331 19.78 -0.11 -4.01
N ALA A 332 19.70 -1.07 -4.93
CA ALA A 332 20.87 -1.47 -5.72
C ALA A 332 20.51 -1.74 -7.16
N LYS A 333 21.41 -1.36 -8.07
CA LYS A 333 21.21 -1.62 -9.50
C LYS A 333 21.24 -3.12 -9.82
N GLY A 334 20.37 -3.53 -10.73
CA GLY A 334 20.31 -4.91 -11.19
C GLY A 334 19.36 -5.80 -10.42
N ALA A 335 18.74 -5.24 -9.38
CA ALA A 335 17.74 -5.98 -8.61
C ALA A 335 16.43 -6.22 -9.37
N LYS A 336 15.77 -7.32 -9.03
CA LYS A 336 14.45 -7.68 -9.59
C LYS A 336 13.61 -8.32 -8.48
N GLY A 337 12.42 -7.80 -8.29
CA GLY A 337 11.55 -8.33 -7.27
C GLY A 337 10.14 -8.38 -7.78
N HIS A 338 9.39 -9.36 -7.30
CA HIS A 338 8.02 -9.55 -7.72
C HIS A 338 7.17 -9.99 -6.55
N LEU A 339 6.04 -9.31 -6.37
CA LEU A 339 5.09 -9.65 -5.33
C LEU A 339 3.75 -10.00 -5.95
N GLU A 340 3.18 -11.13 -5.55
CA GLU A 340 1.81 -11.44 -5.91
C GLU A 340 1.02 -11.73 -4.65
N CYS A 341 -0.08 -11.01 -4.45
CA CYS A 341 -0.98 -11.40 -3.38
C CYS A 341 -2.42 -11.48 -3.86
N LYS A 342 -3.05 -12.59 -3.47
CA LYS A 342 -4.43 -12.85 -3.81
C LYS A 342 -5.17 -13.23 -2.54
N GLY A 343 -6.37 -12.70 -2.41
CA GLY A 343 -7.18 -12.91 -1.20
C GLY A 343 -8.65 -13.08 -1.48
N LEU A 344 -9.15 -14.29 -1.25
CA LEU A 344 -10.58 -14.56 -1.47
C LEU A 344 -11.40 -14.15 -0.26
N VAL A 345 -12.58 -13.57 -0.53
CA VAL A 345 -13.60 -13.35 0.47
C VAL A 345 -14.74 -14.35 0.16
N LEU A 346 -14.96 -15.32 1.05
CA LEU A 346 -15.91 -16.41 0.78
C LEU A 346 -17.26 -16.23 1.47
N THR A 347 -17.33 -15.32 2.44
CA THR A 347 -18.49 -15.23 3.32
C THR A 347 -19.01 -13.80 3.34
N ASP A 348 -20.18 -13.60 3.92
CA ASP A 348 -20.78 -12.27 3.99
C ASP A 348 -20.19 -11.41 5.12
N LYS A 349 -19.44 -12.04 6.03
CA LYS A 349 -18.66 -11.31 7.03
C LYS A 349 -17.21 -11.52 6.73
N GLY A 350 -16.38 -10.59 7.14
CA GLY A 350 -14.95 -10.70 6.86
C GLY A 350 -14.47 -9.75 5.80
N SER A 351 -13.16 -9.50 5.79
CA SER A 351 -12.61 -8.58 4.80
C SER A 351 -11.22 -8.99 4.35
N GLN A 352 -10.85 -8.55 3.14
CA GLN A 352 -9.51 -8.78 2.59
C GLN A 352 -8.91 -7.44 2.21
N LEU A 353 -7.70 -7.17 2.71
CA LEU A 353 -7.00 -5.93 2.42
C LEU A 353 -5.64 -6.27 1.82
N ALA A 354 -5.26 -5.57 0.76
CA ALA A 354 -3.97 -5.79 0.14
C ALA A 354 -3.30 -4.45 0.10
N ILE A 355 -2.16 -4.36 0.79
CA ILE A 355 -1.42 -3.09 1.01
C ILE A 355 0.06 -3.20 0.64
N PRO A 356 0.43 -3.91 -0.43
CA PRO A 356 1.90 -3.98 -0.61
C PRO A 356 2.53 -2.68 -1.10
N ILE A 357 3.83 -2.54 -0.92
CA ILE A 357 4.56 -1.31 -1.20
C ILE A 357 5.78 -1.62 -2.06
N LEU A 358 5.92 -0.86 -3.15
CA LEU A 358 7.12 -0.90 -3.97
C LEU A 358 7.83 0.43 -3.82
N GLU A 359 9.14 0.39 -3.62
CA GLU A 359 9.97 1.59 -3.55
C GLU A 359 11.23 1.38 -4.36
N ALA A 360 11.36 2.11 -5.47
CA ALA A 360 12.61 2.11 -6.25
C ALA A 360 13.44 3.33 -5.90
N ASN A 361 14.65 3.11 -5.35
CA ASN A 361 15.56 4.19 -4.94
C ASN A 361 16.76 4.35 -5.88
N VAL A 362 16.73 3.56 -6.96
CA VAL A 362 17.73 3.64 -8.03
C VAL A 362 17.01 3.49 -9.35
N ASP A 363 17.72 3.79 -10.44
CA ASP A 363 17.09 3.71 -11.77
C ASP A 363 17.04 2.28 -12.35
N ASP A 364 18.16 1.58 -12.32
CA ASP A 364 18.31 0.27 -12.96
C ASP A 364 17.76 -0.82 -12.05
N ILE A 365 16.44 -0.94 -12.01
CA ILE A 365 15.80 -1.93 -11.14
C ILE A 365 14.43 -2.29 -11.71
N GLU A 366 13.95 -3.48 -11.37
CA GLU A 366 12.58 -3.88 -11.76
C GLU A 366 11.85 -4.41 -10.53
N LEU A 367 10.84 -3.66 -10.10
CA LEU A 367 9.93 -4.11 -9.04
C LEU A 367 8.53 -4.16 -9.63
N THR A 368 7.89 -5.32 -9.51
CA THR A 368 6.52 -5.45 -9.99
C THR A 368 5.64 -6.13 -8.96
N HIS A 369 4.35 -5.81 -8.97
CA HIS A 369 3.42 -6.59 -8.19
C HIS A 369 2.03 -6.60 -8.70
N GLU A 370 1.30 -7.64 -8.34
CA GLU A 370 -0.11 -7.77 -8.69
C GLU A 370 -0.83 -8.16 -7.43
N ALA A 371 -2.00 -7.60 -7.26
CA ALA A 371 -2.84 -7.92 -6.13
C ALA A 371 -4.26 -8.14 -6.64
N ALA A 372 -4.97 -9.07 -6.01
CA ALA A 372 -6.38 -9.33 -6.33
C ALA A 372 -7.10 -9.74 -5.06
N VAL A 373 -8.23 -9.07 -4.79
CA VAL A 373 -9.10 -9.45 -3.68
C VAL A 373 -10.56 -9.52 -4.11
N GLY A 374 -11.30 -10.41 -3.46
CA GLY A 374 -12.73 -10.55 -3.72
C GLY A 374 -13.23 -11.96 -3.93
N LYS A 375 -14.15 -12.12 -4.87
CA LYS A 375 -14.94 -13.32 -5.02
C LYS A 375 -14.18 -14.52 -5.58
N ILE A 376 -14.63 -15.71 -5.19
CA ILE A 376 -14.32 -16.94 -5.90
C ILE A 376 -15.05 -16.91 -7.26
N ALA A 377 -14.48 -17.56 -8.26
CA ALA A 377 -15.05 -17.54 -9.61
C ALA A 377 -16.34 -18.35 -9.67
N LYS A 378 -17.45 -17.65 -9.89
CA LYS A 378 -18.77 -18.25 -9.93
C LYS A 378 -18.88 -19.37 -10.97
N ASP A 379 -18.31 -19.16 -12.16
CA ASP A 379 -18.35 -20.14 -13.24
CA ASP A 379 -18.37 -20.15 -13.23
C ASP A 379 -17.60 -21.43 -12.87
N GLN A 380 -16.53 -21.30 -12.09
CA GLN A 380 -15.77 -22.47 -11.64
C GLN A 380 -16.55 -23.28 -10.60
N VAL A 381 -17.21 -22.59 -9.66
CA VAL A 381 -18.08 -23.26 -8.69
C VAL A 381 -19.21 -24.00 -9.41
N GLU A 382 -19.87 -23.33 -10.34
CA GLU A 382 -20.98 -23.93 -11.11
C GLU A 382 -20.56 -25.13 -11.95
N TYR A 383 -19.40 -25.02 -12.60
CA TYR A 383 -18.82 -26.10 -13.38
C TYR A 383 -18.65 -27.38 -12.54
N LEU A 384 -18.09 -27.23 -11.34
CA LEU A 384 -17.81 -28.38 -10.46
C LEU A 384 -19.10 -28.97 -9.86
N MSE A 385 -20.06 -28.10 -9.54
CA MSE A 385 -21.37 -28.55 -9.06
C MSE A 385 -22.07 -29.36 -10.11
O MSE A 385 -22.71 -30.36 -9.80
CB MSE A 385 -22.22 -27.37 -8.59
CG MSE A 385 -21.67 -26.78 -7.30
SE MSE A 385 -22.81 -25.30 -6.68
CE MSE A 385 -24.33 -26.43 -6.11
N ALA A 386 -21.94 -28.95 -11.38
CA ALA A 386 -22.58 -29.69 -12.46
C ALA A 386 -21.94 -31.07 -12.57
N ARG A 387 -20.70 -31.21 -12.15
CA ARG A 387 -20.03 -32.52 -12.18
C ARG A 387 -20.43 -33.46 -11.01
N GLY A 388 -21.33 -32.99 -10.13
CA GLY A 388 -21.83 -33.83 -9.05
C GLY A 388 -21.46 -33.44 -7.64
N LEU A 389 -20.79 -32.30 -7.50
CA LEU A 389 -20.26 -31.87 -6.20
C LEU A 389 -21.21 -30.88 -5.53
N THR A 390 -21.26 -30.90 -4.20
CA THR A 390 -21.98 -29.82 -3.53
C THR A 390 -21.19 -28.51 -3.71
N GLU A 391 -21.84 -27.39 -3.41
CA GLU A 391 -21.17 -26.09 -3.36
C GLU A 391 -19.92 -26.18 -2.47
N ASP A 392 -20.06 -26.81 -1.29
CA ASP A 392 -18.92 -26.90 -0.34
C ASP A 392 -17.75 -27.72 -0.90
N GLU A 393 -18.08 -28.83 -1.57
CA GLU A 393 -17.07 -29.64 -2.23
C GLU A 393 -16.40 -28.86 -3.37
N ALA A 394 -17.18 -28.10 -4.14
CA ALA A 394 -16.63 -27.36 -5.29
C ALA A 394 -15.69 -26.27 -4.78
N VAL A 395 -16.15 -25.51 -3.80
CA VAL A 395 -15.30 -24.52 -3.12
C VAL A 395 -14.01 -25.17 -2.60
N GLY A 396 -14.15 -26.35 -2.00
CA GLY A 396 -13.02 -27.13 -1.52
C GLY A 396 -11.96 -27.38 -2.60
N MSE A 397 -12.41 -27.86 -3.77
CA MSE A 397 -11.48 -28.13 -4.88
C MSE A 397 -10.86 -26.84 -5.35
O MSE A 397 -9.66 -26.78 -5.58
CB MSE A 397 -12.16 -28.88 -6.03
CG MSE A 397 -12.23 -30.38 -5.74
SE MSE A 397 -12.94 -31.05 -7.44
CE MSE A 397 -11.19 -31.45 -8.30
N ILE A 398 -11.62 -25.76 -5.45
CA ILE A 398 -11.07 -24.50 -5.93
C ILE A 398 -10.05 -23.93 -4.95
N ILE A 399 -10.36 -23.94 -3.66
CA ILE A 399 -9.41 -23.37 -2.72
C ILE A 399 -8.14 -24.22 -2.54
N ARG A 400 -8.26 -25.54 -2.74
CA ARG A 400 -7.07 -26.40 -2.78
C ARG A 400 -6.11 -25.89 -3.85
N GLY A 401 -6.62 -25.73 -5.08
CA GLY A 401 -5.83 -25.17 -6.20
C GLY A 401 -5.27 -23.79 -5.91
N PHE A 402 -6.09 -22.93 -5.32
CA PHE A 402 -5.73 -21.56 -5.03
C PHE A 402 -4.60 -21.44 -3.98
N LEU A 403 -4.73 -22.18 -2.88
CA LEU A 403 -3.72 -22.14 -1.81
C LEU A 403 -2.46 -22.94 -2.12
N ASP A 404 -2.60 -24.01 -2.91
CA ASP A 404 -1.45 -24.84 -3.30
C ASP A 404 -0.30 -24.05 -3.90
N VAL A 405 -0.65 -22.95 -4.58
CA VAL A 405 0.33 -22.08 -5.19
C VAL A 405 1.31 -21.57 -4.14
N GLY A 406 0.77 -21.26 -2.95
CA GLY A 406 1.62 -20.73 -1.88
C GLY A 406 2.35 -21.78 -1.05
N ILE A 407 2.09 -23.06 -1.32
CA ILE A 407 2.84 -24.13 -0.64
C ILE A 407 3.60 -25.10 -1.57
N ARG A 408 3.82 -24.68 -2.81
CA ARG A 408 4.73 -25.40 -3.70
C ARG A 408 6.11 -25.47 -3.06
N GLY A 409 6.72 -26.63 -3.12
CA GLY A 409 8.08 -26.76 -2.63
C GLY A 409 8.23 -27.02 -1.14
N ILE A 410 7.17 -26.91 -0.33
CA ILE A 410 7.32 -27.33 1.09
C ILE A 410 7.62 -28.83 1.12
N PRO A 411 8.36 -29.32 2.15
CA PRO A 411 8.61 -30.76 2.21
C PRO A 411 7.33 -31.58 1.97
N GLU A 412 7.40 -32.50 1.02
CA GLU A 412 6.23 -33.27 0.57
C GLU A 412 5.39 -33.86 1.72
N GLU A 413 6.06 -34.32 2.76
CA GLU A 413 5.43 -35.01 3.89
C GLU A 413 4.38 -34.19 4.64
N LEU A 414 4.48 -32.85 4.54
CA LEU A 414 3.61 -31.95 5.27
C LEU A 414 2.29 -31.69 4.55
N LYS A 415 2.26 -32.05 3.25
CA LYS A 415 1.13 -31.62 2.40
C LYS A 415 -0.18 -32.31 2.77
N GLU A 416 -0.13 -33.61 3.06
CA GLU A 416 -1.35 -34.35 3.33
C GLU A 416 -2.18 -33.73 4.47
N GLU A 417 -1.53 -33.38 5.59
CA GLU A 417 -2.24 -32.81 6.73
C GLU A 417 -2.81 -31.43 6.42
N ILE A 418 -2.05 -30.64 5.67
CA ILE A 418 -2.46 -29.29 5.26
C ILE A 418 -3.69 -29.39 4.34
N GLU A 419 -3.67 -30.35 3.40
CA GLU A 419 -4.79 -30.53 2.46
C GLU A 419 -6.07 -30.95 3.20
N ASN A 420 -5.88 -31.78 4.22
CA ASN A 420 -6.96 -32.20 5.11
C ASN A 420 -7.61 -31.00 5.79
N THR A 421 -6.78 -30.10 6.32
CA THR A 421 -7.26 -28.90 6.99
C THR A 421 -8.06 -28.01 6.03
N ILE A 422 -7.54 -27.82 4.83
CA ILE A 422 -8.20 -26.99 3.82
C ILE A 422 -9.55 -27.62 3.45
N ALA A 423 -9.53 -28.94 3.19
CA ALA A 423 -10.75 -29.67 2.82
C ALA A 423 -11.82 -29.57 3.89
N GLN A 424 -11.46 -29.85 5.15
CA GLN A 424 -12.44 -29.80 6.26
C GLN A 424 -13.06 -28.42 6.40
N THR A 425 -12.26 -27.37 6.17
CA THR A 425 -12.73 -25.99 6.27
C THR A 425 -13.84 -25.68 5.26
N ALA A 426 -13.62 -26.05 4.01
CA ALA A 426 -14.62 -25.86 2.95
C ALA A 426 -15.88 -26.66 3.31
N LEU A 427 -15.68 -27.90 3.74
CA LEU A 427 -16.78 -28.84 3.96
C LEU A 427 -17.67 -28.45 5.14
N GLY A 428 -17.14 -27.64 6.05
CA GLY A 428 -17.90 -27.14 7.21
C GLY A 428 -18.70 -25.87 6.94
N MSE A 429 -18.62 -25.35 5.72
CA MSE A 429 -19.24 -24.06 5.40
C MSE A 429 -20.73 -24.19 5.19
O MSE A 429 -21.27 -25.23 4.81
OXT MSE A 429 -21.47 -23.22 5.40
CB MSE A 429 -18.56 -23.37 4.21
CG MSE A 429 -17.16 -22.84 4.56
SE MSE A 429 -16.24 -22.12 2.97
CE MSE A 429 -17.29 -20.45 2.82
N GLN B 24 -27.26 29.69 10.91
CA GLN B 24 -26.71 30.44 12.09
C GLN B 24 -26.06 29.49 13.09
N THR B 25 -26.82 28.51 13.58
CA THR B 25 -26.25 27.45 14.41
C THR B 25 -25.25 26.62 13.59
N GLU B 26 -25.64 26.27 12.36
CA GLU B 26 -24.81 25.56 11.39
C GLU B 26 -23.46 26.28 11.15
N GLN B 27 -23.54 27.59 10.91
CA GLN B 27 -22.38 28.43 10.62
C GLN B 27 -21.44 28.50 11.82
N VAL B 28 -22.01 28.72 13.01
CA VAL B 28 -21.25 28.73 14.27
C VAL B 28 -20.57 27.38 14.52
N SER B 29 -21.26 26.29 14.18
CA SER B 29 -20.72 24.96 14.44
C SER B 29 -19.55 24.66 13.48
N LEU B 30 -19.68 25.07 12.21
CA LEU B 30 -18.60 24.88 11.20
C LEU B 30 -17.35 25.72 11.51
N LYS B 31 -17.58 26.97 11.91
CA LYS B 31 -16.49 27.87 12.30
C LYS B 31 -15.73 27.25 13.50
N LYS B 32 -16.47 26.72 14.47
CA LYS B 32 -15.86 26.05 15.63
C LYS B 32 -14.99 24.88 15.21
N ARG B 33 -15.54 24.01 14.34
CA ARG B 33 -14.83 22.84 13.84
C ARG B 33 -13.59 23.24 13.07
N ALA B 34 -13.73 24.25 12.21
CA ALA B 34 -12.59 24.72 11.39
C ALA B 34 -11.50 25.35 12.26
N GLU B 35 -11.90 26.11 13.28
CA GLU B 35 -10.91 26.64 14.21
C GLU B 35 -10.20 25.51 14.95
N SER B 36 -10.93 24.47 15.35
CA SER B 36 -10.35 23.34 16.09
C SER B 36 -9.32 22.57 15.23
N ALA B 37 -9.39 22.73 13.91
CA ALA B 37 -8.49 22.01 13.00
C ALA B 37 -7.33 22.86 12.46
N ALA B 38 -7.16 24.07 12.99
CA ALA B 38 -6.10 24.97 12.54
C ALA B 38 -4.69 24.36 12.53
N GLU B 39 -4.42 23.45 13.47
CA GLU B 39 -3.11 22.79 13.58
C GLU B 39 -3.12 21.34 13.11
N LYS B 40 -4.24 20.90 12.54
CA LYS B 40 -4.38 19.51 12.11
C LYS B 40 -3.63 19.22 10.81
N LYS B 41 -2.49 18.56 10.95
CA LYS B 41 -1.67 18.18 9.81
C LYS B 41 -2.42 17.22 8.87
N ALA B 42 -2.18 17.33 7.56
CA ALA B 42 -2.67 16.35 6.61
C ALA B 42 -1.85 15.07 6.84
N ALA B 43 -2.45 13.93 6.52
CA ALA B 43 -1.79 12.64 6.74
C ALA B 43 -0.53 12.50 5.88
N PHE B 44 -0.54 13.05 4.68
CA PHE B 44 0.59 12.87 3.75
C PHE B 44 1.10 14.22 3.28
N GLY B 45 2.35 14.24 2.82
CA GLY B 45 2.96 15.45 2.26
C GLY B 45 3.57 16.35 3.29
N GLU B 46 4.47 17.22 2.84
CA GLU B 46 5.09 18.25 3.69
C GLU B 46 4.03 19.01 4.47
N ASP B 47 4.31 19.31 5.74
CA ASP B 47 3.41 20.14 6.55
C ASP B 47 3.79 21.61 6.42
N PHE B 48 2.86 22.42 5.94
CA PHE B 48 3.14 23.84 5.76
C PHE B 48 2.68 24.65 6.97
N GLU B 49 3.53 25.57 7.45
CA GLU B 49 3.12 26.53 8.46
C GLU B 49 2.33 27.62 7.74
N LEU B 50 1.01 27.66 7.96
CA LEU B 50 0.16 28.59 7.22
C LEU B 50 0.44 30.08 7.52
N GLU B 51 0.95 30.37 8.72
CA GLU B 51 1.27 31.75 9.14
C GLU B 51 2.37 32.39 8.30
N LYS B 52 3.16 31.56 7.63
CA LYS B 52 4.28 32.05 6.84
C LYS B 52 3.83 32.58 5.48
N TYR B 53 2.54 32.37 5.17
CA TYR B 53 1.96 32.87 3.92
C TYR B 53 0.91 33.93 4.21
N GLU B 54 1.02 35.07 3.53
CA GLU B 54 0.01 36.11 3.60
C GLU B 54 -1.21 35.63 2.81
N GLU B 55 -2.40 35.90 3.29
CA GLU B 55 -3.59 35.57 2.51
C GLU B 55 -3.61 36.44 1.24
N GLY B 56 -3.63 35.77 0.09
CA GLY B 56 -3.68 36.46 -1.21
C GLY B 56 -4.83 37.44 -1.31
N SER B 57 -4.65 38.45 -2.15
CA SER B 57 -5.64 39.54 -2.31
C SER B 57 -7.04 39.01 -2.64
N LYS B 58 -8.03 39.57 -1.95
CA LYS B 58 -9.45 39.25 -2.16
C LYS B 58 -10.11 40.34 -3.03
N VAL B 59 -9.31 41.32 -3.42
CA VAL B 59 -9.70 42.32 -4.41
C VAL B 59 -8.99 41.96 -5.72
N SER B 60 -9.73 41.86 -6.80
CA SER B 60 -9.13 41.57 -8.09
C SER B 60 -9.76 42.43 -9.16
N LYS B 61 -8.92 43.21 -9.85
CA LYS B 61 -9.38 44.02 -10.97
C LYS B 61 -10.00 43.12 -12.04
N PRO B 62 -11.27 43.40 -12.39
CA PRO B 62 -11.97 42.63 -13.42
C PRO B 62 -11.28 42.70 -14.78
N ILE B 63 -11.38 41.60 -15.53
CA ILE B 63 -10.87 41.52 -16.90
C ILE B 63 -12.04 41.03 -17.78
N GLU B 64 -12.72 41.98 -18.43
CA GLU B 64 -13.92 41.70 -19.23
C GLU B 64 -13.64 40.88 -20.48
N ASP B 65 -12.46 41.09 -21.05
CA ASP B 65 -12.06 40.46 -22.30
C ASP B 65 -10.64 39.96 -22.15
N LEU B 66 -10.48 38.65 -22.21
CA LEU B 66 -9.18 38.00 -22.01
C LEU B 66 -8.20 38.28 -23.15
N GLN B 67 -8.72 38.64 -24.32
CA GLN B 67 -7.91 39.01 -25.49
C GLN B 67 -7.11 40.28 -25.23
N SER B 68 -7.51 41.04 -24.21
CA SER B 68 -6.87 42.32 -23.89
C SER B 68 -5.62 42.16 -23.02
N LEU B 69 -5.43 40.94 -22.48
CA LEU B 69 -4.27 40.64 -21.63
C LEU B 69 -2.94 40.77 -22.39
N ASP B 70 -1.85 40.88 -21.64
CA ASP B 70 -0.49 40.95 -22.18
C ASP B 70 -0.14 39.65 -22.89
N GLU B 71 0.75 39.73 -23.88
CA GLU B 71 1.27 38.52 -24.55
C GLU B 71 1.82 37.51 -23.54
N GLU B 72 2.50 38.01 -22.51
CA GLU B 72 3.08 37.17 -21.46
C GLU B 72 2.04 36.34 -20.72
N SER B 73 0.99 37.01 -20.26
CA SER B 73 -0.08 36.32 -19.55
C SER B 73 -0.90 35.41 -20.47
N LYS B 74 -1.02 35.79 -21.76
CA LYS B 74 -1.72 34.93 -22.73
C LYS B 74 -1.01 33.59 -22.98
N LYS B 75 0.30 33.66 -23.20
CA LYS B 75 1.12 32.45 -23.33
C LYS B 75 1.10 31.60 -22.05
N THR B 76 1.07 32.26 -20.90
CA THR B 76 0.95 31.58 -19.61
C THR B 76 -0.37 30.78 -19.52
N LEU B 77 -1.48 31.41 -19.90
CA LEU B 77 -2.76 30.73 -19.95
C LEU B 77 -2.72 29.55 -20.91
N LEU B 78 -2.18 29.78 -22.11
CA LEU B 78 -2.14 28.75 -23.12
C LEU B 78 -1.37 27.50 -22.68
N GLN B 79 -0.32 27.69 -21.89
CA GLN B 79 0.51 26.58 -21.40
C GLN B 79 -0.23 25.59 -20.50
N VAL B 80 -1.34 26.05 -19.90
CA VAL B 80 -2.19 25.19 -19.10
C VAL B 80 -3.58 24.97 -19.74
N GLY B 81 -3.63 25.16 -21.05
CA GLY B 81 -4.81 24.80 -21.83
C GLY B 81 -5.98 25.76 -21.76
N VAL B 82 -5.73 26.97 -21.25
CA VAL B 82 -6.73 28.04 -21.14
C VAL B 82 -6.56 28.97 -22.36
N ILE B 83 -7.62 29.12 -23.15
CA ILE B 83 -7.55 29.85 -24.43
CA ILE B 83 -7.55 29.85 -24.43
C ILE B 83 -8.15 31.26 -24.30
N PRO B 84 -7.29 32.30 -24.37
CA PRO B 84 -7.81 33.66 -24.24
C PRO B 84 -8.92 34.02 -25.24
N SER B 85 -8.84 33.46 -26.45
CA SER B 85 -9.84 33.72 -27.49
C SER B 85 -11.14 32.99 -27.24
N GLU B 86 -11.10 32.02 -26.33
CA GLU B 86 -12.22 31.15 -25.98
C GLU B 86 -12.68 30.31 -27.17
N GLU B 87 -11.80 30.15 -28.15
CA GLU B 87 -12.02 29.28 -29.30
C GLU B 87 -12.15 27.83 -28.84
N GLY B 88 -13.32 27.23 -29.10
CA GLY B 88 -13.61 25.86 -28.71
C GLY B 88 -13.90 25.71 -27.23
N ARG B 89 -14.41 26.79 -26.64
CA ARG B 89 -14.81 26.82 -25.23
C ARG B 89 -16.25 27.28 -25.05
N SER B 90 -16.92 26.74 -24.03
CA SER B 90 -18.31 27.09 -23.72
C SER B 90 -18.43 28.26 -22.75
N GLY B 91 -17.34 28.55 -22.06
CA GLY B 91 -17.32 29.64 -21.08
C GLY B 91 -15.93 29.71 -20.44
N SER B 92 -15.68 30.77 -19.68
CA SER B 92 -14.36 31.00 -19.08
C SER B 92 -14.49 31.60 -17.71
N PHE B 93 -13.74 31.06 -16.75
CA PHE B 93 -13.74 31.57 -15.39
C PHE B 93 -12.28 31.75 -14.98
N LEU B 94 -11.95 32.91 -14.44
CA LEU B 94 -10.59 33.21 -14.00
C LEU B 94 -10.55 33.72 -12.56
N VAL B 95 -9.69 33.11 -11.75
CA VAL B 95 -9.44 33.57 -10.40
C VAL B 95 -7.98 33.97 -10.30
N LEU B 96 -7.74 35.21 -9.89
CA LEU B 96 -6.39 35.68 -9.61
C LEU B 96 -6.26 35.85 -8.11
N ASP B 97 -5.26 35.19 -7.52
CA ASP B 97 -5.16 35.07 -6.07
C ASP B 97 -6.49 34.62 -5.51
N ASN B 98 -7.12 35.45 -4.69
CA ASN B 98 -8.35 35.08 -4.01
C ASN B 98 -9.60 35.79 -4.50
N ALA B 99 -9.52 36.38 -5.68
CA ALA B 99 -10.68 37.08 -6.24
C ALA B 99 -10.99 36.69 -7.68
N VAL B 100 -12.27 36.62 -7.99
CA VAL B 100 -12.73 36.28 -9.34
C VAL B 100 -12.50 37.49 -10.25
N SER B 101 -11.78 37.27 -11.35
CA SER B 101 -11.41 38.33 -12.31
C SER B 101 -12.26 38.32 -13.57
N HIS B 102 -12.75 37.14 -13.94
CA HIS B 102 -13.50 36.94 -15.18
C HIS B 102 -14.46 35.79 -15.04
N SER B 103 -15.67 35.96 -15.56
CA SER B 103 -16.68 34.92 -15.60
C SER B 103 -17.64 35.17 -16.76
N THR B 104 -17.53 34.37 -17.82
CA THR B 104 -18.38 34.53 -18.99
C THR B 104 -18.81 33.18 -19.56
N LEU B 105 -19.94 33.19 -20.29
CA LEU B 105 -20.44 31.99 -20.97
C LEU B 105 -20.83 32.26 -22.41
N LYS B 106 -20.53 31.29 -23.27
CA LYS B 106 -21.03 31.32 -24.65
C LYS B 106 -22.22 30.37 -24.79
N ASP B 107 -22.35 29.44 -23.83
CA ASP B 107 -23.32 28.35 -23.90
C ASP B 107 -24.50 28.61 -22.96
N LYS B 108 -25.72 28.50 -23.51
CA LYS B 108 -26.93 28.78 -22.74
C LYS B 108 -27.33 27.57 -21.87
N ASN B 109 -26.77 26.40 -22.16
CA ASN B 109 -27.07 25.22 -21.36
C ASN B 109 -26.07 24.94 -20.22
N VAL B 110 -25.37 25.99 -19.79
CA VAL B 110 -24.49 25.93 -18.62
C VAL B 110 -24.79 27.11 -17.71
N GLU B 111 -24.69 26.92 -16.41
CA GLU B 111 -24.74 28.01 -15.50
C GLU B 111 -23.37 28.16 -14.86
N LEU B 112 -22.81 29.34 -14.91
CA LEU B 112 -21.45 29.61 -14.38
C LEU B 112 -21.45 30.91 -13.61
N MSE B 113 -21.07 30.84 -12.34
CA MSE B 113 -21.10 31.99 -11.43
C MSE B 113 -20.02 31.79 -10.41
O MSE B 113 -19.50 30.69 -10.25
CB MSE B 113 -22.38 31.96 -10.59
CG MSE B 113 -23.67 31.93 -11.41
SE MSE B 113 -25.15 32.12 -10.14
CE MSE B 113 -24.87 34.01 -9.66
N SER B 114 -19.67 32.86 -9.71
CA SER B 114 -18.78 32.70 -8.58
C SER B 114 -19.54 31.96 -7.48
N THR B 115 -18.80 31.20 -6.69
CA THR B 115 -19.36 30.49 -5.55
C THR B 115 -20.09 31.43 -4.62
N HIS B 116 -19.51 32.59 -4.35
CA HIS B 116 -20.18 33.57 -3.48
C HIS B 116 -21.49 34.02 -4.07
N LYS B 117 -21.49 34.34 -5.37
CA LYS B 117 -22.71 34.83 -6.02
C LYS B 117 -23.77 33.73 -6.11
N ALA B 118 -23.32 32.48 -6.32
CA ALA B 118 -24.25 31.35 -6.34
C ALA B 118 -24.91 31.11 -4.98
N MSE B 119 -24.15 31.30 -3.90
CA MSE B 119 -24.65 31.06 -2.53
C MSE B 119 -25.70 32.08 -2.22
O MSE B 119 -26.69 31.79 -1.56
CB MSE B 119 -23.54 31.14 -1.47
CG MSE B 119 -22.57 29.98 -1.61
SE MSE B 119 -23.30 28.34 -0.80
CE MSE B 119 -23.03 28.82 1.11
N GLU B 120 -25.49 33.28 -2.73
CA GLU B 120 -26.43 34.40 -2.57
C GLU B 120 -27.71 34.26 -3.40
N LYS B 121 -27.64 33.58 -4.54
CA LYS B 121 -28.77 33.43 -5.45
C LYS B 121 -29.66 32.25 -5.02
N TYR B 122 -29.04 31.16 -4.63
CA TYR B 122 -29.71 29.92 -4.36
C TYR B 122 -29.61 29.54 -2.90
N GLU B 123 -30.73 29.60 -2.21
CA GLU B 123 -30.76 29.26 -0.80
C GLU B 123 -30.44 27.77 -0.55
N TRP B 124 -30.80 26.92 -1.51
CA TRP B 124 -30.53 25.47 -1.42
C TRP B 124 -29.08 25.09 -1.58
N LEU B 125 -28.26 25.99 -2.14
CA LEU B 125 -26.85 25.65 -2.39
C LEU B 125 -26.10 25.32 -1.12
N LYS B 126 -26.58 25.86 0.01
CA LYS B 126 -25.98 25.55 1.30
C LYS B 126 -26.07 24.06 1.65
N ASP B 127 -26.99 23.34 1.00
CA ASP B 127 -27.12 21.89 1.19
C ASP B 127 -26.03 21.11 0.48
N TYR B 128 -25.26 21.79 -0.36
CA TYR B 128 -24.18 21.18 -1.15
C TYR B 128 -22.81 21.72 -0.73
N SER B 129 -22.81 22.80 0.04
CA SER B 129 -21.55 23.47 0.40
C SER B 129 -20.94 22.92 1.70
N TRP B 130 -19.70 22.47 1.60
CA TRP B 130 -18.94 21.88 2.73
C TRP B 130 -19.65 20.67 3.26
N LYS B 131 -20.14 19.85 2.36
CA LYS B 131 -20.81 18.61 2.69
C LYS B 131 -19.91 17.48 2.25
N LEU B 132 -19.50 17.47 0.99
CA LEU B 132 -18.59 16.42 0.52
C LEU B 132 -17.17 16.56 1.08
N VAL B 133 -16.68 17.79 1.14
CA VAL B 133 -15.40 18.05 1.79
C VAL B 133 -15.67 18.64 3.18
N GLN B 134 -15.14 18.03 4.23
CA GLN B 134 -15.37 18.50 5.60
C GLN B 134 -14.46 19.67 5.91
N VAL B 135 -15.01 20.68 6.59
CA VAL B 135 -14.23 21.90 6.92
C VAL B 135 -13.00 21.55 7.75
N ASP B 136 -13.14 20.49 8.56
CA ASP B 136 -12.09 20.08 9.48
C ASP B 136 -11.29 18.88 8.99
N ALA B 137 -11.31 18.60 7.68
CA ALA B 137 -10.48 17.51 7.16
C ALA B 137 -9.01 17.67 7.56
N ASP B 138 -8.47 18.87 7.35
CA ASP B 138 -7.12 19.21 7.74
C ASP B 138 -6.96 20.73 7.85
N LYS B 139 -5.78 21.21 8.16
CA LYS B 139 -5.57 22.67 8.30
C LYS B 139 -5.85 23.44 6.99
N TYR B 140 -5.73 22.75 5.84
CA TYR B 140 -5.92 23.36 4.52
C TYR B 140 -7.41 23.59 4.23
N THR B 141 -8.25 22.59 4.49
CA THR B 141 -9.69 22.74 4.35
C THR B 141 -10.17 23.80 5.34
N ALA B 142 -9.63 23.77 6.57
CA ALA B 142 -10.03 24.70 7.65
C ALA B 142 -9.77 26.15 7.28
N LYS B 143 -8.56 26.42 6.78
CA LYS B 143 -8.17 27.77 6.36
C LYS B 143 -9.09 28.23 5.23
N THR B 144 -9.35 27.36 4.27
CA THR B 144 -10.18 27.70 3.13
C THR B 144 -11.60 28.07 3.58
N TYR B 145 -12.13 27.32 4.56
CA TYR B 145 -13.47 27.61 5.08
C TYR B 145 -13.42 28.94 5.80
N LEU B 146 -12.44 29.10 6.68
CA LEU B 146 -12.34 30.30 7.50
C LEU B 146 -12.10 31.59 6.70
N GLU B 147 -11.48 31.45 5.52
CA GLU B 147 -11.19 32.58 4.66
C GLU B 147 -12.39 32.93 3.78
N ASP B 148 -13.49 32.18 3.93
CA ASP B 148 -14.69 32.39 3.12
C ASP B 148 -14.31 32.33 1.63
N ALA B 149 -13.57 31.28 1.26
CA ALA B 149 -13.03 31.13 -0.08
C ALA B 149 -14.10 31.26 -1.15
N ASP B 150 -13.80 32.03 -2.19
CA ASP B 150 -14.66 32.06 -3.38
C ASP B 150 -14.11 31.01 -4.37
N GLY B 151 -14.76 30.90 -5.52
CA GLY B 151 -14.35 29.94 -6.55
C GLY B 151 -15.41 29.99 -7.61
N TYR B 152 -15.51 28.93 -8.41
CA TYR B 152 -16.59 28.79 -9.38
C TYR B 152 -17.69 27.79 -8.97
N PHE B 153 -18.92 28.18 -9.28
CA PHE B 153 -20.10 27.32 -9.24
C PHE B 153 -20.47 27.04 -10.70
N ILE B 154 -20.55 25.77 -11.07
CA ILE B 154 -20.91 25.37 -12.44
C ILE B 154 -22.01 24.33 -12.36
N ARG B 155 -23.10 24.58 -13.06
CA ARG B 155 -24.22 23.64 -13.09
C ARG B 155 -24.68 23.42 -14.51
N VAL B 156 -24.92 22.16 -14.85
CA VAL B 156 -25.57 21.85 -16.12
C VAL B 156 -26.96 21.31 -15.79
N PRO B 157 -28.01 22.00 -16.25
CA PRO B 157 -29.33 21.51 -15.88
C PRO B 157 -29.69 20.16 -16.54
N ALA B 158 -30.72 19.50 -15.99
CA ALA B 158 -31.15 18.16 -16.42
C ALA B 158 -31.23 18.01 -17.94
N GLY B 159 -30.59 16.97 -18.44
CA GLY B 159 -30.72 16.54 -19.84
C GLY B 159 -29.84 17.29 -20.82
N LYS B 160 -29.15 18.32 -20.34
CA LYS B 160 -28.36 19.17 -21.21
C LYS B 160 -26.91 18.71 -21.26
N LYS B 161 -26.23 19.03 -22.34
CA LYS B 161 -24.82 18.64 -22.55
C LYS B 161 -24.07 19.89 -23.00
N THR B 162 -22.91 20.15 -22.38
CA THR B 162 -22.03 21.21 -22.86
C THR B 162 -21.55 20.87 -24.27
N SER B 163 -21.72 21.82 -25.19
CA SER B 163 -21.25 21.68 -26.58
C SER B 163 -19.73 21.63 -26.67
N MSE B 164 -19.07 22.44 -25.83
CA MSE B 164 -17.60 22.53 -25.77
C MSE B 164 -17.21 22.63 -24.32
O MSE B 164 -18.07 22.89 -23.48
CB MSE B 164 -17.16 23.79 -26.52
CG MSE B 164 -17.45 23.80 -28.02
SE MSE B 164 -16.60 22.32 -29.01
CE MSE B 164 -14.69 22.43 -28.47
N PRO B 165 -15.93 22.40 -23.99
CA PRO B 165 -15.59 22.46 -22.56
C PRO B 165 -15.66 23.88 -22.00
N VAL B 166 -16.08 24.00 -20.73
CA VAL B 166 -15.93 25.22 -19.95
C VAL B 166 -14.49 25.23 -19.46
N GLN B 167 -13.81 26.38 -19.55
CA GLN B 167 -12.44 26.48 -19.04
C GLN B 167 -12.38 27.30 -17.75
N THR B 168 -11.60 26.85 -16.79
CA THR B 168 -11.36 27.66 -15.59
C THR B 168 -9.86 27.82 -15.38
N CYS B 169 -9.47 28.88 -14.68
CA CYS B 169 -8.07 29.15 -14.45
C CYS B 169 -7.92 29.73 -13.05
N LEU B 170 -7.00 29.12 -12.30
CA LEU B 170 -6.65 29.56 -10.97
C LEU B 170 -5.20 29.96 -11.07
N MSE B 171 -4.93 31.21 -10.70
CA MSE B 171 -3.62 31.82 -10.92
C MSE B 171 -3.14 32.53 -9.67
O MSE B 171 -3.86 33.35 -9.07
CB MSE B 171 -3.71 32.76 -12.12
CG MSE B 171 -2.33 33.30 -12.51
SE MSE B 171 -2.48 34.55 -14.03
CE MSE B 171 -2.38 33.22 -15.48
N LEU B 172 -1.93 32.19 -9.26
CA LEU B 172 -1.23 32.85 -8.16
C LEU B 172 -0.50 34.07 -8.72
N GLY B 173 -0.76 35.25 -8.17
CA GLY B 173 -0.17 36.50 -8.70
C GLY B 173 0.74 37.25 -7.76
N SER B 174 0.61 36.98 -6.45
CA SER B 174 1.43 37.63 -5.44
C SER B 174 2.71 36.84 -5.13
N LYS B 175 3.64 37.52 -4.43
CA LYS B 175 4.98 37.02 -4.13
C LYS B 175 5.04 35.70 -3.34
N LYS B 176 4.36 35.65 -2.20
CA LYS B 176 4.36 34.46 -1.32
C LYS B 176 3.05 34.49 -0.55
N ALA B 177 1.97 34.11 -1.23
CA ALA B 177 0.66 34.17 -0.63
C ALA B 177 0.01 32.80 -0.62
N ALA B 178 -1.06 32.69 0.15
CA ALA B 178 -1.90 31.52 0.16
C ALA B 178 -3.13 31.83 -0.67
N GLN B 179 -3.36 31.00 -1.68
CA GLN B 179 -4.59 31.02 -2.46
C GLN B 179 -5.55 30.00 -1.87
N THR B 180 -6.76 30.46 -1.55
CA THR B 180 -7.80 29.61 -1.03
C THR B 180 -9.02 29.69 -1.94
N VAL B 181 -9.43 28.54 -2.48
CA VAL B 181 -10.48 28.45 -3.49
C VAL B 181 -11.48 27.37 -3.08
N HIS B 182 -12.76 27.65 -3.30
CA HIS B 182 -13.84 26.69 -3.06
C HIS B 182 -14.77 26.65 -4.25
N ASN B 183 -14.74 25.51 -4.95
CA ASN B 183 -15.60 25.28 -6.12
C ASN B 183 -16.66 24.23 -5.88
N ILE B 184 -17.82 24.41 -6.52
CA ILE B 184 -18.92 23.46 -6.43
C ILE B 184 -19.43 23.22 -7.84
N ILE B 185 -19.48 21.94 -8.22
CA ILE B 185 -19.94 21.54 -9.54
C ILE B 185 -21.15 20.64 -9.37
N ILE B 186 -22.26 20.96 -10.06
CA ILE B 186 -23.44 20.08 -10.05
C ILE B 186 -23.83 19.71 -11.47
N VAL B 187 -23.82 18.42 -11.74
CA VAL B 187 -24.30 17.89 -13.01
C VAL B 187 -25.64 17.22 -12.75
N GLU B 188 -26.73 17.84 -13.22
CA GLU B 188 -28.07 17.37 -12.90
C GLU B 188 -28.40 16.10 -13.70
N GLU B 189 -29.59 15.55 -13.49
CA GLU B 189 -29.94 14.24 -14.05
C GLU B 189 -29.76 14.20 -15.57
N GLY B 190 -29.05 13.17 -16.07
CA GLY B 190 -28.88 12.96 -17.52
C GLY B 190 -28.07 14.04 -18.25
N ALA B 191 -27.38 14.89 -17.50
CA ALA B 191 -26.61 15.99 -18.07
C ALA B 191 -25.14 15.60 -18.31
N THR B 192 -24.47 16.34 -19.18
CA THR B 192 -23.01 16.20 -19.38
C THR B 192 -22.33 17.56 -19.25
N LEU B 193 -21.23 17.57 -18.50
CA LEU B 193 -20.38 18.74 -18.33
C LEU B 193 -18.96 18.34 -18.67
N ASP B 194 -18.32 19.14 -19.53
CA ASP B 194 -16.89 19.01 -19.78
C ASP B 194 -16.17 20.23 -19.24
N ILE B 195 -15.09 20.01 -18.50
CA ILE B 195 -14.34 21.11 -17.90
C ILE B 195 -12.84 20.92 -18.12
N ILE B 196 -12.16 22.02 -18.41
CA ILE B 196 -10.70 22.06 -18.45
C ILE B 196 -10.30 23.14 -17.46
N THR B 197 -9.48 22.75 -16.50
CA THR B 197 -8.93 23.69 -15.52
C THR B 197 -7.42 23.77 -15.67
N GLY B 198 -6.92 25.00 -15.76
CA GLY B 198 -5.49 25.25 -15.73
C GLY B 198 -5.14 26.04 -14.49
N CYS B 199 -4.13 25.57 -13.75
CA CYS B 199 -3.64 26.25 -12.57
C CYS B 199 -2.21 26.68 -12.82
N THR B 200 -1.92 27.96 -12.60
CA THR B 200 -0.62 28.50 -12.96
C THR B 200 -0.26 29.77 -12.17
N THR B 201 0.83 30.43 -12.56
CA THR B 201 1.37 31.57 -11.82
C THR B 201 1.63 32.75 -12.72
N LYS B 202 1.59 33.94 -12.15
CA LYS B 202 2.14 35.13 -12.80
C LYS B 202 3.64 34.95 -12.96
N LYS B 203 4.18 35.49 -14.04
CA LYS B 203 5.62 35.47 -14.25
C LYS B 203 6.36 36.05 -13.02
N GLY B 204 7.38 35.33 -12.57
CA GLY B 204 8.19 35.79 -11.46
C GLY B 204 7.73 35.32 -10.09
N VAL B 205 6.55 34.74 -10.02
CA VAL B 205 6.03 34.17 -8.78
C VAL B 205 6.70 32.81 -8.56
N GLU B 206 7.38 32.66 -7.42
CA GLU B 206 8.17 31.45 -7.16
C GLU B 206 7.73 30.70 -5.91
N GLU B 207 7.18 31.43 -4.94
CA GLU B 207 6.76 30.89 -3.67
C GLU B 207 5.26 31.08 -3.52
N GLY B 208 4.66 30.28 -2.65
CA GLY B 208 3.23 30.38 -2.41
C GLY B 208 2.58 29.03 -2.16
N LEU B 209 1.31 29.08 -1.74
CA LEU B 209 0.49 27.91 -1.49
C LEU B 209 -0.82 27.98 -2.24
N HIS B 210 -1.25 26.84 -2.78
CA HIS B 210 -2.57 26.73 -3.37
C HIS B 210 -3.36 25.71 -2.60
N LEU B 211 -4.48 26.18 -2.03
CA LEU B 211 -5.43 25.33 -1.29
C LEU B 211 -6.77 25.40 -2.04
N GLY B 212 -7.10 24.33 -2.74
CA GLY B 212 -8.29 24.35 -3.62
C GLY B 212 -9.21 23.21 -3.26
N ILE B 213 -10.37 23.56 -2.73
CA ILE B 213 -11.40 22.60 -2.32
C ILE B 213 -12.47 22.57 -3.41
N SER B 214 -12.77 21.38 -3.92
CA SER B 214 -13.78 21.23 -4.98
C SER B 214 -14.75 20.14 -4.57
N GLU B 215 -16.04 20.46 -4.63
CA GLU B 215 -17.07 19.46 -4.34
C GLU B 215 -17.90 19.25 -5.58
N MSE B 216 -17.95 18.01 -6.07
CA MSE B 216 -18.54 17.72 -7.38
C MSE B 216 -19.67 16.72 -7.20
O MSE B 216 -19.47 15.63 -6.64
CB MSE B 216 -17.43 17.16 -8.30
CG MSE B 216 -16.12 18.00 -8.20
SE MSE B 216 -14.99 17.62 -9.75
CE MSE B 216 -13.82 19.17 -9.38
N TYR B 217 -20.86 17.10 -7.68
CA TYR B 217 -22.06 16.27 -7.56
C TYR B 217 -22.55 15.86 -8.93
N ILE B 218 -22.58 14.55 -9.17
CA ILE B 218 -23.10 14.02 -10.41
C ILE B 218 -24.37 13.24 -10.09
N LYS B 219 -25.50 13.75 -10.60
CA LYS B 219 -26.79 13.14 -10.32
C LYS B 219 -27.03 12.00 -11.30
N LYS B 220 -28.12 11.28 -11.07
CA LYS B 220 -28.50 10.13 -11.87
C LYS B 220 -28.26 10.31 -13.38
N GLY B 221 -27.46 9.42 -13.95
CA GLY B 221 -27.21 9.41 -15.39
C GLY B 221 -26.41 10.60 -15.92
N GLY B 222 -25.81 11.38 -15.02
CA GLY B 222 -25.00 12.50 -15.39
C GLY B 222 -23.60 12.07 -15.76
N THR B 223 -22.87 12.96 -16.43
CA THR B 223 -21.50 12.71 -16.81
C THR B 223 -20.68 13.97 -16.59
N LEU B 224 -19.52 13.81 -15.98
CA LEU B 224 -18.59 14.91 -15.79
C LEU B 224 -17.22 14.43 -16.24
N ASN B 225 -16.65 15.14 -17.22
CA ASN B 225 -15.27 14.93 -17.71
C ASN B 225 -14.46 16.15 -17.27
N PHE B 226 -13.34 15.92 -16.58
CA PHE B 226 -12.59 16.97 -15.89
C PHE B 226 -11.12 16.79 -16.16
N THR B 227 -10.54 17.74 -16.89
CA THR B 227 -9.12 17.68 -17.22
C THR B 227 -8.44 18.83 -16.48
N MSE B 228 -7.35 18.54 -15.78
CA MSE B 228 -6.66 19.56 -15.00
C MSE B 228 -5.19 19.54 -15.28
O MSE B 228 -4.55 18.49 -15.20
CB MSE B 228 -6.90 19.38 -13.51
CG MSE B 228 -6.19 20.55 -12.84
SE MSE B 228 -7.12 20.95 -11.16
CE MSE B 228 -6.63 19.26 -10.27
N ILE B 229 -4.65 20.70 -15.63
CA ILE B 229 -3.24 20.84 -15.94
C ILE B 229 -2.64 21.83 -14.95
N HIS B 230 -1.53 21.42 -14.33
CA HIS B 230 -0.82 22.23 -13.35
C HIS B 230 0.50 22.70 -13.88
N ASN B 231 0.76 23.99 -13.76
CA ASN B 231 2.08 24.57 -14.02
C ASN B 231 2.38 25.59 -12.95
N TRP B 232 3.15 25.19 -11.94
CA TRP B 232 3.39 26.04 -10.80
C TRP B 232 4.75 26.69 -10.87
N ALA B 233 5.51 26.60 -9.77
CA ALA B 233 6.90 27.05 -9.73
C ALA B 233 7.68 26.30 -8.66
N GLU B 234 9.00 26.48 -8.67
CA GLU B 234 9.90 25.65 -7.88
C GLU B 234 9.65 25.62 -6.38
N GLN B 235 9.09 26.69 -5.82
CA GLN B 235 8.82 26.71 -4.38
C GLN B 235 7.33 26.75 -4.00
N ILE B 236 6.47 26.34 -4.92
CA ILE B 236 5.02 26.35 -4.66
C ILE B 236 4.58 25.03 -3.99
N GLY B 237 3.76 25.15 -2.94
CA GLY B 237 3.07 24.02 -2.32
C GLY B 237 1.63 23.95 -2.82
N VAL B 238 1.14 22.74 -3.09
CA VAL B 238 -0.18 22.58 -3.71
C VAL B 238 -0.96 21.52 -2.94
N ARG B 239 -2.11 21.95 -2.40
CA ARG B 239 -2.99 21.09 -1.60
C ARG B 239 -4.45 21.13 -2.08
N PRO B 240 -4.76 20.43 -3.19
CA PRO B 240 -6.17 20.31 -3.59
C PRO B 240 -6.89 19.31 -2.70
N ARG B 241 -8.16 19.57 -2.39
CA ARG B 241 -9.00 18.55 -1.77
C ARG B 241 -10.26 18.47 -2.57
N THR B 242 -10.52 17.30 -3.13
CA THR B 242 -11.66 17.09 -4.02
C THR B 242 -12.41 15.85 -3.60
N VAL B 243 -13.73 15.98 -3.46
CA VAL B 243 -14.60 14.83 -3.27
C VAL B 243 -15.70 14.86 -4.33
N VAL B 244 -15.98 13.71 -4.92
CA VAL B 244 -16.94 13.58 -6.00
C VAL B 244 -17.94 12.53 -5.58
N SER B 245 -19.22 12.83 -5.77
CA SER B 245 -20.32 11.93 -5.44
C SER B 245 -21.06 11.60 -6.73
N VAL B 246 -21.10 10.32 -7.06
CA VAL B 246 -21.65 9.88 -8.35
C VAL B 246 -22.88 9.01 -8.09
N GLU B 247 -24.04 9.47 -8.58
CA GLU B 247 -25.31 8.77 -8.35
C GLU B 247 -25.52 7.70 -9.41
N GLU B 248 -26.63 6.99 -9.30
CA GLU B 248 -26.95 5.87 -10.21
C GLU B 248 -26.74 6.21 -11.68
N GLY B 249 -25.92 5.38 -12.36
CA GLY B 249 -25.67 5.51 -13.80
C GLY B 249 -24.88 6.75 -14.17
N GLY B 250 -24.23 7.36 -13.18
CA GLY B 250 -23.39 8.53 -13.40
C GLY B 250 -21.99 8.11 -13.80
N THR B 251 -21.26 9.06 -14.41
CA THR B 251 -19.88 8.82 -14.84
C THR B 251 -19.03 10.01 -14.45
N TYR B 252 -17.87 9.73 -13.83
CA TYR B 252 -16.86 10.76 -13.57
C TYR B 252 -15.55 10.35 -14.21
N VAL B 253 -15.05 11.19 -15.12
CA VAL B 253 -13.72 10.97 -15.72
C VAL B 253 -12.84 12.15 -15.33
N SER B 254 -11.65 11.82 -14.80
CA SER B 254 -10.66 12.79 -14.36
C SER B 254 -9.32 12.49 -15.04
N ASN B 255 -8.69 13.54 -15.58
CA ASN B 255 -7.31 13.42 -16.06
C ASN B 255 -6.52 14.55 -15.45
N TYR B 256 -5.51 14.19 -14.68
CA TYR B 256 -4.63 15.16 -14.03
C TYR B 256 -3.27 15.10 -14.70
N ILE B 257 -2.73 16.28 -14.99
CA ILE B 257 -1.44 16.41 -15.68
C ILE B 257 -0.56 17.34 -14.88
N CYS B 258 0.60 16.83 -14.45
CA CYS B 258 1.53 17.59 -13.61
C CYS B 258 2.97 17.31 -14.05
N LEU B 259 3.45 18.09 -15.02
CA LEU B 259 4.70 17.80 -15.75
C LEU B 259 5.85 18.76 -15.46
N LYS B 260 5.56 19.81 -14.67
CA LYS B 260 6.48 20.93 -14.46
C LYS B 260 6.98 21.03 -13.03
N PRO B 261 8.16 21.67 -12.82
CA PRO B 261 8.68 21.86 -11.46
C PRO B 261 7.70 22.49 -10.47
N VAL B 262 7.76 22.01 -9.23
CA VAL B 262 6.87 22.42 -8.15
C VAL B 262 7.48 21.83 -6.88
N ARG B 263 7.39 22.53 -5.76
CA ARG B 263 8.01 21.99 -4.54
C ARG B 263 7.26 20.77 -4.04
N SER B 264 5.95 20.87 -3.91
CA SER B 264 5.16 19.82 -3.28
C SER B 264 3.74 19.84 -3.79
N VAL B 265 3.29 18.73 -4.37
CA VAL B 265 1.89 18.52 -4.61
C VAL B 265 1.45 17.32 -3.80
N GLN B 266 0.33 17.46 -3.08
CA GLN B 266 -0.29 16.31 -2.38
C GLN B 266 -1.79 16.40 -2.60
N THR B 267 -2.28 15.46 -3.39
CA THR B 267 -3.65 15.44 -3.82
C THR B 267 -4.14 14.00 -3.74
N TYR B 268 -5.37 13.82 -3.27
CA TYR B 268 -5.93 12.48 -3.11
C TYR B 268 -7.45 12.55 -3.29
N PRO B 269 -7.92 12.86 -4.52
CA PRO B 269 -9.37 12.98 -4.69
C PRO B 269 -10.09 11.67 -4.38
N THR B 270 -11.26 11.79 -3.77
CA THR B 270 -12.09 10.66 -3.42
C THR B 270 -13.33 10.71 -4.28
N VAL B 271 -13.67 9.58 -4.90
CA VAL B 271 -14.87 9.48 -5.72
C VAL B 271 -15.75 8.41 -5.09
N ARG B 272 -16.93 8.84 -4.63
CA ARG B 272 -17.90 7.95 -4.01
C ARG B 272 -18.89 7.50 -5.08
N LEU B 273 -18.91 6.20 -5.34
CA LEU B 273 -19.82 5.62 -6.30
C LEU B 273 -21.05 5.16 -5.52
N GLU B 274 -22.04 6.05 -5.48
CA GLU B 274 -23.20 5.99 -4.55
C GLU B 274 -24.43 5.27 -5.07
N GLY B 275 -24.56 5.21 -6.38
CA GLY B 275 -25.77 4.65 -7.00
C GLY B 275 -25.38 3.51 -7.91
N GLU B 276 -26.35 2.65 -8.18
CA GLU B 276 -26.14 1.49 -9.02
C GLU B 276 -25.51 1.87 -10.36
N GLY B 277 -24.46 1.14 -10.72
CA GLY B 277 -23.81 1.30 -12.00
C GLY B 277 -22.99 2.56 -12.20
N ALA B 278 -22.78 3.35 -11.14
CA ALA B 278 -21.90 4.51 -11.20
C ALA B 278 -20.50 4.07 -11.62
N VAL B 279 -19.86 4.84 -12.49
CA VAL B 279 -18.50 4.52 -12.93
C VAL B 279 -17.57 5.73 -12.82
N THR B 280 -16.29 5.45 -12.63
CA THR B 280 -15.30 6.49 -12.69
C THR B 280 -14.05 5.99 -13.37
N ARG B 281 -13.40 6.89 -14.11
CA ARG B 281 -12.09 6.63 -14.70
C ARG B 281 -11.17 7.76 -14.21
N LEU B 282 -10.12 7.40 -13.48
CA LEU B 282 -9.25 8.39 -12.87
C LEU B 282 -7.85 8.19 -13.41
N ASN B 283 -7.30 9.26 -14.00
CA ASN B 283 -6.04 9.20 -14.72
C ASN B 283 -5.08 10.26 -14.23
N THR B 284 -3.81 9.89 -14.17
CA THR B 284 -2.73 10.79 -13.76
C THR B 284 -1.50 10.57 -14.58
N ILE B 285 -0.92 11.67 -15.08
CA ILE B 285 0.44 11.61 -15.62
C ILE B 285 1.26 12.68 -14.92
N ALA B 286 2.52 12.36 -14.62
CA ALA B 286 3.38 13.33 -13.90
C ALA B 286 4.85 13.12 -14.15
N ILE B 287 5.59 14.22 -14.05
CA ILE B 287 7.04 14.17 -14.04
C ILE B 287 7.55 14.87 -12.79
N ALA B 288 8.26 14.13 -11.94
CA ALA B 288 8.86 14.68 -10.72
C ALA B 288 10.29 15.21 -10.94
N HIS B 289 10.42 16.52 -10.83
CA HIS B 289 11.70 17.22 -11.04
C HIS B 289 12.56 17.22 -9.81
N PRO B 290 13.86 17.48 -9.95
CA PRO B 290 14.70 17.61 -8.74
C PRO B 290 14.10 18.63 -7.76
N GLY B 291 14.16 18.31 -6.48
CA GLY B 291 13.66 19.17 -5.42
C GLY B 291 12.15 19.17 -5.28
N SER B 292 11.50 18.17 -5.88
CA SER B 292 10.01 18.11 -5.89
C SER B 292 9.54 16.85 -5.17
N GLU B 293 8.47 16.98 -4.40
CA GLU B 293 7.73 15.81 -3.92
C GLU B 293 6.34 15.82 -4.56
N LEU B 294 5.99 14.73 -5.27
CA LEU B 294 4.65 14.61 -5.85
C LEU B 294 4.00 13.42 -5.19
N ASP B 295 2.95 13.67 -4.41
CA ASP B 295 2.28 12.62 -3.69
C ASP B 295 0.86 12.60 -4.24
N LEU B 296 0.63 11.71 -5.20
CA LEU B 296 -0.56 11.74 -6.04
C LEU B 296 -1.37 10.48 -5.89
N GLY B 297 -2.60 10.65 -5.44
CA GLY B 297 -3.45 9.51 -5.17
C GLY B 297 -4.82 9.61 -5.80
N SER B 298 -5.53 8.50 -5.81
CA SER B 298 -6.91 8.45 -6.26
C SER B 298 -7.61 7.46 -5.35
N LYS B 299 -8.84 7.76 -4.93
CA LYS B 299 -9.61 6.85 -4.12
C LYS B 299 -10.98 6.66 -4.73
N ALA B 300 -11.41 5.40 -4.89
CA ALA B 300 -12.75 5.10 -5.34
C ALA B 300 -13.42 4.25 -4.26
N ILE B 301 -14.66 4.61 -3.91
CA ILE B 301 -15.45 3.90 -2.91
C ILE B 301 -16.69 3.33 -3.59
N PHE B 302 -16.81 2.01 -3.55
CA PHE B 302 -17.87 1.29 -4.24
C PHE B 302 -18.99 1.06 -3.23
N ASN B 303 -20.00 1.91 -3.30
CA ASN B 303 -21.09 1.91 -2.32
C ASN B 303 -22.43 1.41 -2.84
N ALA B 304 -22.47 1.00 -4.11
CA ALA B 304 -23.70 0.49 -4.70
C ALA B 304 -23.33 -0.63 -5.66
N PRO B 305 -24.29 -1.52 -5.94
CA PRO B 305 -24.02 -2.63 -6.87
C PRO B 305 -23.60 -2.16 -8.26
N GLY B 306 -22.78 -2.95 -8.93
CA GLY B 306 -22.44 -2.72 -10.34
C GLY B 306 -21.55 -1.52 -10.62
N THR B 307 -20.99 -0.94 -9.58
CA THR B 307 -20.11 0.20 -9.71
C THR B 307 -18.76 -0.22 -10.26
N ARG B 308 -18.11 0.70 -10.98
CA ARG B 308 -16.88 0.41 -11.69
C ARG B 308 -15.86 1.54 -11.52
N ALA B 309 -14.60 1.16 -11.43
CA ALA B 309 -13.52 2.15 -11.45
C ALA B 309 -12.31 1.63 -12.17
N GLU B 310 -11.71 2.53 -12.97
CA GLU B 310 -10.40 2.30 -13.61
CA GLU B 310 -10.41 2.29 -13.60
C GLU B 310 -9.48 3.41 -13.16
N LEU B 311 -8.42 3.08 -12.45
CA LEU B 311 -7.49 4.08 -11.93
C LEU B 311 -6.14 3.84 -12.59
N ILE B 312 -5.66 4.84 -13.35
CA ILE B 312 -4.43 4.68 -14.15
CA ILE B 312 -4.42 4.67 -14.14
C ILE B 312 -3.46 5.79 -13.79
N SER B 313 -2.23 5.41 -13.43
CA SER B 313 -1.19 6.39 -13.11
C SER B 313 0.05 6.03 -13.90
N ARG B 314 0.57 6.97 -14.70
CA ARG B 314 1.83 6.80 -15.43
C ARG B 314 2.72 7.98 -15.08
N THR B 315 3.85 7.71 -14.43
CA THR B 315 4.70 8.81 -13.94
C THR B 315 6.18 8.50 -14.14
N ILE B 316 6.97 9.56 -14.09
CA ILE B 316 8.39 9.45 -14.29
C ILE B 316 9.07 10.33 -13.28
N THR B 317 10.15 9.87 -12.65
CA THR B 317 11.02 10.82 -11.93
C THR B 317 12.33 11.07 -12.67
N ILE B 318 12.72 12.33 -12.71
CA ILE B 318 14.07 12.73 -13.17
C ILE B 318 14.78 13.44 -12.02
N GLY B 319 14.44 13.04 -10.80
CA GLY B 319 15.21 13.49 -9.64
C GLY B 319 14.35 13.76 -8.42
N GLY B 320 13.05 13.94 -8.65
CA GLY B 320 12.11 14.15 -7.53
C GLY B 320 11.62 12.87 -6.88
N ARG B 321 10.77 13.04 -5.88
CA ARG B 321 10.17 11.94 -5.15
C ARG B 321 8.72 11.77 -5.59
N LEU B 322 8.39 10.61 -6.17
CA LEU B 322 7.02 10.39 -6.65
C LEU B 322 6.41 9.25 -5.86
N ILE B 323 5.24 9.53 -5.28
CA ILE B 323 4.46 8.52 -4.60
C ILE B 323 3.14 8.35 -5.33
N ALA B 324 2.84 7.13 -5.76
CA ALA B 324 1.57 6.86 -6.41
C ALA B 324 0.73 6.14 -5.39
N ARG B 325 -0.35 6.81 -4.95
CA ARG B 325 -1.31 6.19 -4.06
C ARG B 325 -2.58 5.88 -4.84
N GLY B 326 -3.20 4.76 -4.53
CA GLY B 326 -4.46 4.39 -5.15
C GLY B 326 -5.19 3.58 -4.12
N GLU B 327 -6.48 3.85 -3.95
CA GLU B 327 -7.30 3.19 -2.94
C GLU B 327 -8.63 2.81 -3.53
N MSE B 328 -9.01 1.53 -3.36
CA MSE B 328 -10.29 1.02 -3.87
C MSE B 328 -10.96 0.27 -2.72
O MSE B 328 -10.42 -0.73 -2.23
CB MSE B 328 -10.09 0.15 -5.15
CG MSE B 328 -9.50 1.04 -6.26
SE MSE B 328 -9.67 0.15 -8.00
CE MSE B 328 -8.61 -1.47 -7.67
N ILE B 329 -12.11 0.78 -2.28
CA ILE B 329 -12.83 0.28 -1.10
C ILE B 329 -14.16 -0.35 -1.54
N GLY B 330 -14.22 -1.69 -1.45
CA GLY B 330 -15.36 -2.44 -1.97
C GLY B 330 -16.45 -2.73 -0.95
N ASN B 331 -17.54 -1.97 -1.01
CA ASN B 331 -18.60 -2.05 -0.01
C ASN B 331 -19.94 -2.62 -0.52
N ALA B 332 -19.99 -3.02 -1.79
CA ALA B 332 -21.25 -3.46 -2.42
C ALA B 332 -20.98 -4.58 -3.42
N LYS B 333 -21.97 -5.46 -3.60
CA LYS B 333 -21.80 -6.63 -4.43
C LYS B 333 -21.92 -6.27 -5.91
N GLY B 334 -21.15 -6.96 -6.75
CA GLY B 334 -21.16 -6.71 -8.18
C GLY B 334 -20.18 -5.63 -8.60
N ALA B 335 -19.47 -5.02 -7.63
CA ALA B 335 -18.49 -3.98 -7.96
C ALA B 335 -17.25 -4.58 -8.62
N LYS B 336 -16.64 -3.79 -9.51
CA LYS B 336 -15.41 -4.19 -10.18
C LYS B 336 -14.49 -2.97 -10.27
N GLY B 337 -13.25 -3.13 -9.80
CA GLY B 337 -12.31 -2.03 -9.81
C GLY B 337 -10.94 -2.48 -10.20
N HIS B 338 -10.24 -1.63 -10.95
CA HIS B 338 -8.90 -1.94 -11.39
C HIS B 338 -7.99 -0.74 -11.29
N LEU B 339 -6.81 -0.93 -10.70
CA LEU B 339 -5.79 0.12 -10.51
C LEU B 339 -4.51 -0.34 -11.20
N GLU B 340 -3.96 0.51 -12.06
CA GLU B 340 -2.65 0.28 -12.63
C GLU B 340 -1.77 1.48 -12.32
N CYS B 341 -0.59 1.22 -11.75
CA CYS B 341 0.39 2.28 -11.46
CA CYS B 341 0.35 2.31 -11.66
C CYS B 341 1.73 1.87 -12.07
N LYS B 342 2.28 2.69 -12.95
CA LYS B 342 3.63 2.48 -13.45
C LYS B 342 4.42 3.76 -13.25
N GLY B 343 5.67 3.61 -12.80
CA GLY B 343 6.54 4.73 -12.46
C GLY B 343 7.97 4.47 -12.87
N LEU B 344 8.45 5.26 -13.83
CA LEU B 344 9.83 5.14 -14.32
C LEU B 344 10.76 5.97 -13.46
N VAL B 345 11.96 5.43 -13.21
CA VAL B 345 13.05 6.16 -12.57
C VAL B 345 14.13 6.30 -13.63
N LEU B 346 14.39 7.53 -14.06
CA LEU B 346 15.28 7.75 -15.22
C LEU B 346 16.68 8.21 -14.86
N THR B 347 16.83 8.74 -13.65
CA THR B 347 18.10 9.35 -13.23
C THR B 347 18.65 8.67 -11.97
N ASP B 348 19.90 9.00 -11.66
CA ASP B 348 20.54 8.45 -10.46
C ASP B 348 20.07 9.08 -9.16
N LYS B 349 19.26 10.14 -9.25
CA LYS B 349 18.63 10.74 -8.07
C LYS B 349 17.14 10.58 -8.23
N GLY B 350 16.42 10.58 -7.13
CA GLY B 350 14.98 10.46 -7.21
C GLY B 350 14.48 9.06 -6.88
N SER B 351 13.19 8.97 -6.59
CA SER B 351 12.63 7.69 -6.18
C SER B 351 11.19 7.57 -6.67
N GLN B 352 10.73 6.33 -6.83
CA GLN B 352 9.34 6.04 -7.18
C GLN B 352 8.81 5.09 -6.15
N LEU B 353 7.63 5.41 -5.62
CA LEU B 353 6.94 4.56 -4.69
C LEU B 353 5.55 4.27 -5.21
N ALA B 354 5.09 3.04 -5.02
CA ALA B 354 3.72 2.70 -5.34
C ALA B 354 3.08 2.11 -4.10
N ILE B 355 2.01 2.76 -3.63
CA ILE B 355 1.35 2.43 -2.37
C ILE B 355 -0.16 2.23 -2.62
N PRO B 356 -0.56 1.05 -3.12
CA PRO B 356 -1.97 0.74 -3.35
C PRO B 356 -2.67 0.33 -2.07
N ILE B 357 -3.99 0.48 -2.07
CA ILE B 357 -4.80 -0.11 -1.01
C ILE B 357 -6.00 -0.70 -1.72
N LEU B 358 -6.16 -2.03 -1.63
CA LEU B 358 -7.40 -2.66 -2.08
C LEU B 358 -8.07 -3.25 -0.85
N GLU B 359 -9.34 -2.92 -0.64
CA GLU B 359 -10.07 -3.48 0.50
C GLU B 359 -11.39 -4.03 -0.01
N ALA B 360 -11.58 -5.33 0.16
CA ALA B 360 -12.86 -5.96 -0.15
C ALA B 360 -13.62 -6.22 1.16
N ASN B 361 -14.76 -5.56 1.33
CA ASN B 361 -15.62 -5.69 2.51
C ASN B 361 -16.89 -6.53 2.27
N VAL B 362 -17.00 -7.09 1.07
CA VAL B 362 -18.11 -8.01 0.69
C VAL B 362 -17.51 -9.17 -0.07
N ASP B 363 -18.28 -10.23 -0.26
CA ASP B 363 -17.74 -11.39 -1.00
C ASP B 363 -17.74 -11.19 -2.52
N ASP B 364 -18.86 -10.69 -3.05
CA ASP B 364 -19.10 -10.60 -4.49
C ASP B 364 -18.53 -9.30 -5.08
N ILE B 365 -17.22 -9.29 -5.25
CA ILE B 365 -16.54 -8.12 -5.76
C ILE B 365 -15.24 -8.55 -6.43
N GLU B 366 -14.81 -7.76 -7.40
CA GLU B 366 -13.51 -7.94 -8.02
C GLU B 366 -12.70 -6.66 -7.92
N LEU B 367 -11.66 -6.70 -7.11
CA LEU B 367 -10.66 -5.62 -7.06
C LEU B 367 -9.31 -6.17 -7.49
N THR B 368 -8.73 -5.57 -8.53
CA THR B 368 -7.38 -5.98 -8.96
C THR B 368 -6.46 -4.78 -9.16
N HIS B 369 -5.17 -5.05 -9.09
CA HIS B 369 -4.15 -4.01 -9.19
C HIS B 369 -2.85 -4.55 -9.71
N GLU B 370 -2.17 -3.77 -10.56
CA GLU B 370 -0.78 -4.06 -10.91
C GLU B 370 0.03 -2.78 -10.76
N ALA B 371 1.27 -2.97 -10.31
CA ALA B 371 2.17 -1.86 -10.16
C ALA B 371 3.54 -2.28 -10.65
N ALA B 372 4.28 -1.30 -11.15
CA ALA B 372 5.63 -1.54 -11.63
C ALA B 372 6.41 -0.25 -11.46
N VAL B 373 7.60 -0.36 -10.93
CA VAL B 373 8.47 0.79 -10.81
C VAL B 373 9.88 0.37 -11.18
N GLY B 374 10.61 1.32 -11.75
CA GLY B 374 12.02 1.16 -12.03
C GLY B 374 12.42 1.61 -13.42
N LYS B 375 13.25 0.80 -14.06
CA LYS B 375 13.98 1.26 -15.23
C LYS B 375 13.14 1.35 -16.51
N ILE B 376 13.61 2.24 -17.38
CA ILE B 376 13.21 2.24 -18.79
C ILE B 376 13.83 1.01 -19.48
N ALA B 377 13.13 0.47 -20.49
CA ALA B 377 13.62 -0.71 -21.20
C ALA B 377 14.86 -0.40 -22.06
N LYS B 378 16.00 -0.99 -21.68
CA LYS B 378 17.26 -0.77 -22.36
C LYS B 378 17.21 -1.16 -23.84
N ASP B 379 16.54 -2.28 -24.14
CA ASP B 379 16.40 -2.76 -25.51
CA ASP B 379 16.43 -2.74 -25.51
C ASP B 379 15.63 -1.78 -26.41
N GLN B 380 14.62 -1.11 -25.84
CA GLN B 380 13.79 -0.13 -26.58
C GLN B 380 14.58 1.14 -26.90
N VAL B 381 15.38 1.58 -25.93
CA VAL B 381 16.28 2.71 -26.12
C VAL B 381 17.28 2.38 -27.22
N GLU B 382 17.90 1.21 -27.13
CA GLU B 382 18.92 0.83 -28.11
C GLU B 382 18.34 0.64 -29.51
N TYR B 383 17.13 0.07 -29.59
CA TYR B 383 16.43 -0.10 -30.86
C TYR B 383 16.23 1.26 -31.52
N LEU B 384 15.80 2.25 -30.74
CA LEU B 384 15.51 3.58 -31.32
C LEU B 384 16.80 4.35 -31.70
N MSE B 385 17.85 4.22 -30.88
CA MSE B 385 19.15 4.81 -31.20
C MSE B 385 19.69 4.25 -32.50
O MSE B 385 20.27 5.01 -33.31
CB MSE B 385 20.12 4.64 -30.02
CG MSE B 385 19.74 5.60 -28.88
SE MSE B 385 21.02 5.25 -27.42
CE MSE B 385 22.61 6.02 -28.31
N ALA B 386 19.51 2.95 -32.74
CA ALA B 386 20.00 2.35 -34.00
C ALA B 386 19.29 2.93 -35.22
N ARG B 387 18.08 3.45 -35.02
CA ARG B 387 17.33 4.09 -36.10
C ARG B 387 17.76 5.53 -36.39
N GLY B 388 18.75 6.01 -35.63
CA GLY B 388 19.36 7.32 -35.87
C GLY B 388 19.07 8.39 -34.85
N LEU B 389 18.46 7.98 -33.73
CA LEU B 389 18.07 8.91 -32.68
C LEU B 389 19.15 8.99 -31.59
N THR B 390 19.31 10.16 -30.97
CA THR B 390 20.20 10.21 -29.81
C THR B 390 19.47 9.47 -28.67
N GLU B 391 20.19 9.19 -27.59
CA GLU B 391 19.59 8.63 -26.38
C GLU B 391 18.42 9.48 -25.88
N ASP B 392 18.62 10.82 -25.86
CA ASP B 392 17.53 11.69 -25.39
C ASP B 392 16.31 11.61 -26.29
N GLU B 393 16.53 11.59 -27.60
CA GLU B 393 15.41 11.44 -28.52
C GLU B 393 14.69 10.10 -28.32
N ALA B 394 15.46 9.03 -28.17
CA ALA B 394 14.90 7.69 -27.95
C ALA B 394 14.05 7.68 -26.68
N VAL B 395 14.61 8.22 -25.60
CA VAL B 395 13.89 8.32 -24.32
C VAL B 395 12.61 9.12 -24.51
N GLY B 396 12.73 10.22 -25.24
CA GLY B 396 11.58 11.07 -25.59
C GLY B 396 10.44 10.26 -26.20
N MSE B 397 10.73 9.46 -27.23
CA MSE B 397 9.71 8.63 -27.88
C MSE B 397 9.11 7.61 -26.94
O MSE B 397 7.90 7.40 -26.93
CB MSE B 397 10.31 7.93 -29.10
CG MSE B 397 10.41 8.86 -30.30
SE MSE B 397 10.72 7.69 -31.85
CE MSE B 397 9.25 6.39 -31.61
N ILE B 398 9.94 6.94 -26.15
CA ILE B 398 9.48 5.95 -25.15
C ILE B 398 8.57 6.58 -24.09
N ILE B 399 9.02 7.67 -23.50
CA ILE B 399 8.19 8.29 -22.46
C ILE B 399 6.89 8.90 -23.00
N ARG B 400 6.91 9.34 -24.25
CA ARG B 400 5.70 9.81 -24.91
C ARG B 400 4.67 8.69 -24.95
N GLY B 401 5.10 7.51 -25.44
CA GLY B 401 4.24 6.33 -25.48
C GLY B 401 3.78 5.91 -24.09
N PHE B 402 4.69 5.95 -23.12
CA PHE B 402 4.41 5.58 -21.73
C PHE B 402 3.35 6.50 -21.09
N LEU B 403 3.51 7.81 -21.25
CA LEU B 403 2.61 8.76 -20.61
C LEU B 403 1.28 8.87 -21.34
N ASP B 404 1.30 8.60 -22.65
CA ASP B 404 0.10 8.77 -23.47
C ASP B 404 -1.06 7.91 -23.00
N VAL B 405 -0.74 6.74 -22.44
CA VAL B 405 -1.75 5.84 -21.85
C VAL B 405 -2.57 6.57 -20.76
N GLY B 406 -1.93 7.48 -20.04
CA GLY B 406 -2.62 8.23 -18.98
C GLY B 406 -3.39 9.47 -19.45
N ILE B 407 -3.31 9.79 -20.74
CA ILE B 407 -4.06 10.94 -21.25
C ILE B 407 -4.90 10.61 -22.47
N ARG B 408 -5.09 9.32 -22.73
CA ARG B 408 -6.01 8.88 -23.76
C ARG B 408 -7.35 9.58 -23.52
N GLY B 409 -7.90 10.15 -24.57
CA GLY B 409 -9.22 10.75 -24.45
C GLY B 409 -9.35 12.09 -23.74
N ILE B 410 -8.25 12.74 -23.35
CA ILE B 410 -8.36 14.16 -23.01
C ILE B 410 -8.77 14.94 -24.27
N PRO B 411 -9.36 16.14 -24.11
CA PRO B 411 -9.67 16.91 -25.33
C PRO B 411 -8.47 16.98 -26.28
N GLU B 412 -8.69 16.64 -27.55
CA GLU B 412 -7.58 16.53 -28.51
C GLU B 412 -6.68 17.76 -28.53
N GLU B 413 -7.32 18.93 -28.50
CA GLU B 413 -6.66 20.24 -28.57
C GLU B 413 -5.53 20.42 -27.55
N LEU B 414 -5.61 19.70 -26.44
CA LEU B 414 -4.61 19.82 -25.38
C LEU B 414 -3.35 19.01 -25.61
N LYS B 415 -3.41 18.04 -26.53
CA LYS B 415 -2.31 17.07 -26.65
C LYS B 415 -0.99 17.71 -27.11
N GLU B 416 -1.08 18.66 -28.05
CA GLU B 416 0.11 19.22 -28.67
C GLU B 416 1.01 19.87 -27.64
N GLU B 417 0.47 20.69 -26.75
CA GLU B 417 1.32 21.41 -25.79
C GLU B 417 1.91 20.44 -24.78
N ILE B 418 1.11 19.44 -24.41
CA ILE B 418 1.55 18.42 -23.46
C ILE B 418 2.70 17.60 -24.06
N GLU B 419 2.56 17.21 -25.33
CA GLU B 419 3.63 16.48 -26.02
C GLU B 419 4.90 17.31 -26.13
N ASN B 420 4.73 18.61 -26.36
CA ASN B 420 5.88 19.52 -26.42
C ASN B 420 6.63 19.50 -25.10
N THR B 421 5.88 19.56 -23.99
CA THR B 421 6.49 19.56 -22.67
C THR B 421 7.25 18.28 -22.40
N ILE B 422 6.65 17.15 -22.79
CA ILE B 422 7.26 15.84 -22.53
C ILE B 422 8.53 15.74 -23.37
N ALA B 423 8.43 16.15 -24.63
CA ALA B 423 9.58 16.08 -25.56
C ALA B 423 10.75 16.93 -25.07
N GLN B 424 10.45 18.15 -24.66
CA GLN B 424 11.51 19.08 -24.23
C GLN B 424 12.18 18.59 -22.96
N THR B 425 11.42 17.91 -22.10
CA THR B 425 11.97 17.30 -20.89
C THR B 425 13.01 16.24 -21.24
N ALA B 426 12.66 15.32 -22.14
CA ALA B 426 13.59 14.27 -22.58
C ALA B 426 14.84 14.87 -23.23
N LEU B 427 14.64 15.86 -24.09
CA LEU B 427 15.72 16.44 -24.88
C LEU B 427 16.68 17.28 -24.03
N GLY B 428 16.24 17.69 -22.83
CA GLY B 428 17.09 18.46 -21.91
C GLY B 428 17.94 17.60 -20.98
N MSE B 429 17.77 16.28 -21.07
CA MSE B 429 18.50 15.40 -20.15
C MSE B 429 19.93 15.16 -20.56
O MSE B 429 20.75 14.72 -19.75
OXT MSE B 429 20.35 15.40 -21.70
CB MSE B 429 17.78 14.05 -19.97
CG MSE B 429 16.39 14.25 -19.38
SE MSE B 429 15.50 12.49 -19.31
CE MSE B 429 16.54 11.67 -17.85
C14 1PE C . 29.17 -10.91 11.91
OH5 1PE C . 28.33 -9.99 12.61
C15 1PE C . 26.07 -9.23 12.79
C25 1PE C . 26.98 -10.44 12.66
OH6 1PE C . 25.43 -9.01 11.54
C16 1PE C . 25.43 -6.93 10.31
C26 1PE C . 24.73 -7.77 11.40
OH7 1PE C . 24.56 -6.61 9.21
C22 1PE D . -5.25 -17.55 -10.16
OH3 1PE D . -5.90 -17.24 -8.92
C13 1PE D . -7.77 -17.17 -7.54
C23 1PE D . -7.32 -17.43 -8.97
OH4 1PE D . -9.06 -16.59 -7.38
C14 1PE D . -7.94 -14.45 -6.61
C24 1PE D . -9.11 -15.15 -7.34
OH5 1PE D . -8.42 -13.66 -5.53
C15 1PE D . -9.70 -11.90 -6.62
C25 1PE D . -9.75 -13.10 -5.68
OH6 1PE D . -10.95 -11.59 -7.18
C16 1PE D . -10.19 -11.02 -9.38
C26 1PE D . -10.81 -10.49 -8.09
OH7 1PE D . -11.18 -11.69 -10.17
OH2 1PE E . -23.82 13.91 0.53
C12 1PE E . -23.99 15.32 0.49
C22 1PE E . -25.02 15.61 -0.60
OH3 1PE E . -25.56 16.90 -0.38
C13 1PE E . -27.92 16.82 -0.82
C23 1PE E . -26.56 17.26 -1.34
OH4 1PE E . -28.91 16.98 -1.84
C24 1PE E . -29.83 15.88 -1.92
C14 1PE F . 9.58 -4.55 -15.84
OH5 1PE F . 8.91 -3.43 -15.26
C15 1PE F . 9.95 -1.38 -14.46
C25 1PE F . 9.69 -2.87 -14.21
OH6 1PE F . 8.69 -0.72 -14.59
C16 1PE F . 7.51 1.29 -15.17
C26 1PE F . 8.86 0.66 -14.85
OH7 1PE F . 6.87 0.51 -16.19
#